data_7E1A
#
_entry.id   7E1A
#
_cell.length_a   1.00
_cell.length_b   1.00
_cell.length_c   1.00
_cell.angle_alpha   90.00
_cell.angle_beta   90.00
_cell.angle_gamma   90.00
#
_symmetry.space_group_name_H-M   'P 1'
#
loop_
_entity.id
_entity.type
_entity.pdbx_description
1 polymer 'Bile salt export pump'
2 non-polymer 'TAUROCHOLIC ACID'
#
_entity_poly.entity_id   1
_entity_poly.type   'polypeptide(L)'
_entity_poly.pdbx_seq_one_letter_code
;MSDSVILRSIKKFGEENDGFESDKSYNNDKKSRLQDEKKGDGVRVGFFQLFRFSSSTDIWLMFVGSLCAFLHGIAQPGVL
LIFGTMTDVFIDYDVELQELQIPGKACVNNTIVWTNSSLNQNMTNGTRCGLLNIESEMIKFASYYAGIAVAVLITGYIQI
CFWVIAAARQIQKMRKFYFRRIMRMEIGWFDCNSVGELNTRFSDDINKINDAIADQMALFIQRMTSTICGFLLGFFRGWK
LTLVIISVSPLIGIGAATIGLSVSKFTDYELKAYAKAGVVADEVISSMRTVAAFGGEKREVERYEKNLVFAQRWGIRKGI
VMGFFTGFVWCLIFLCYALAFWYGSTLVLDEGEYTPGTLVQIFLSVIVGALNLGNASPCLEAFATGRAAATSIFETIDRK
PIIDCMSEDGYKLDRIKGEIEFHNVTFHYPSRPEVKILNDLNMVIKPGEMTALVGPSGAGKSTALQLIQRFYDPCEGMVT
VDGHDIRSLNIQWLRDQIGIVEQEPVLFSTTIAENIRYGREDATMEDIVQAAKEANAYNFIMDLPQQFDTLVGEGGGQMS
GGQKQRVAIARALIRNPKILLLDMATSALDNESEAMVQEVLSKIQHGHTIISVAHRLSTVRAADTIIGFEHGTAVERGTH
EELLERKGVYFTLVTLQSQGNQALNEEDIKDATEDDMLARTFSRGSYQDSLRASIRQRSKSQLSYLVHEPPLAVVDHKST
YEEDRKDKDIPVQEEVEPAPVRRILKFSAPEWPYMLVGSVGAAVNGTVTPLYAFLFSQILGTFSIPDKEEQRSQINGVCL
LFVAMGCVSLFTQFLQGYAFAKSGELLTKRLRKFGFRAMLGQDIAWFDDLRNSPGALTTRLATDASQVQGAAGSQIGMIV
NSFTNVTVAMIIAFSFSWKLSLVILCFFPFLALSGATQTRMLTGFASRDKQALEMVGQITNEALSNIRTVAGIGKERRFI
EALETELEKPFKTAIQKANIYGFCFAFAQCIMFIANSASYRYGGYLISNEGLHFSYVFRVISAVVLSATALGRAFSYTPS
YAKAKISAARFFQLLDRQPPISVYNTAGEKWDNFQGKIDFVDCKFTYPSRPDSQVLNGLSVSISPGQTLAFVGSSGCGKS
TSIQLLERFYDPDQGKVMIDGHDSKKVNVQFLRSNIGIVSQEPVLFACSIMDNIKYGDNTKEIPMERVIAAAKQAQLHDF
VMSLPEKYETNVGSQGSQLSRGEKQRIAIARAIVRDPKILLLDEATSALDTESEKTVQVALDKAREGRTCIVIAHRLSTI
QNADIIAVMAQGVVIEKGTHEELMAQKGAYYKLVTTGSPIS
;
_entity_poly.pdbx_strand_id   U
#
loop_
_chem_comp.id
_chem_comp.type
_chem_comp.name
_chem_comp.formula
TCH non-polymer 'TAUROCHOLIC ACID' 'C26 H45 N O7 S'
#
# COMPACT_ATOMS: atom_id res chain seq x y z
N GLY A 46 -8.16 -8.57 -25.55
CA GLY A 46 -7.20 -9.59 -25.93
C GLY A 46 -5.90 -9.34 -25.23
N PHE A 47 -4.83 -10.02 -25.63
CA PHE A 47 -3.51 -9.68 -25.13
C PHE A 47 -2.71 -8.80 -26.05
N PHE A 48 -2.76 -9.01 -27.36
CA PHE A 48 -2.05 -8.13 -28.29
C PHE A 48 -2.78 -6.80 -28.49
N GLN A 49 -3.72 -6.48 -27.60
CA GLN A 49 -4.18 -5.13 -27.38
C GLN A 49 -3.37 -4.38 -26.36
N LEU A 50 -2.48 -5.04 -25.61
CA LEU A 50 -1.60 -4.25 -24.75
C LEU A 50 -0.56 -3.52 -25.58
N PHE A 51 -0.23 -4.05 -26.75
CA PHE A 51 0.75 -3.40 -27.58
C PHE A 51 0.13 -2.41 -28.54
N ARG A 52 -1.06 -1.89 -28.20
CA ARG A 52 -1.84 -1.05 -29.11
C ARG A 52 -1.14 0.24 -29.43
N PHE A 53 -0.33 0.76 -28.51
CA PHE A 53 0.31 2.05 -28.68
C PHE A 53 1.70 1.94 -29.26
N SER A 54 1.99 0.83 -29.94
CA SER A 54 3.32 0.62 -30.47
C SER A 54 3.54 1.41 -31.75
N SER A 55 4.59 2.21 -31.76
CA SER A 55 4.94 2.99 -32.93
C SER A 55 5.77 2.12 -33.88
N SER A 56 6.38 2.69 -34.90
CA SER A 56 7.13 1.91 -35.86
C SER A 56 8.60 1.73 -35.47
N THR A 57 9.14 2.61 -34.64
CA THR A 57 10.49 2.47 -34.10
C THR A 57 10.51 1.49 -32.94
N ASP A 58 9.36 0.97 -32.58
CA ASP A 58 9.23 0.14 -31.41
C ASP A 58 8.70 -1.24 -31.76
N ILE A 59 8.30 -1.46 -33.01
CA ILE A 59 7.99 -2.79 -33.48
C ILE A 59 9.22 -3.38 -34.14
N TRP A 60 10.27 -2.58 -34.31
CA TRP A 60 11.53 -2.96 -34.90
C TRP A 60 12.63 -3.10 -33.86
N LEU A 61 12.48 -2.40 -32.73
CA LEU A 61 13.31 -2.53 -31.56
C LEU A 61 12.82 -3.66 -30.67
N MET A 62 11.95 -4.51 -31.20
CA MET A 62 11.26 -5.54 -30.48
C MET A 62 11.29 -6.84 -31.25
N PHE A 63 11.58 -6.76 -32.54
CA PHE A 63 11.86 -7.96 -33.30
C PHE A 63 13.32 -8.38 -33.17
N VAL A 64 14.26 -7.44 -33.22
CA VAL A 64 15.65 -7.81 -33.02
C VAL A 64 15.97 -7.93 -31.53
N GLY A 65 15.03 -7.61 -30.65
CA GLY A 65 15.20 -7.95 -29.26
C GLY A 65 14.44 -9.21 -28.91
N SER A 66 13.91 -9.90 -29.91
CA SER A 66 13.29 -11.18 -29.66
C SER A 66 13.78 -12.23 -30.65
N LEU A 67 14.54 -11.79 -31.65
CA LEU A 67 15.39 -12.71 -32.39
C LEU A 67 16.59 -13.08 -31.54
N CYS A 68 17.17 -12.10 -30.86
CA CYS A 68 18.29 -12.36 -29.98
C CYS A 68 17.86 -12.78 -28.60
N ALA A 69 16.62 -13.20 -28.42
CA ALA A 69 16.21 -13.84 -27.18
C ALA A 69 15.95 -15.31 -27.42
N PHE A 70 15.44 -15.63 -28.59
CA PHE A 70 15.41 -17.00 -29.12
C PHE A 70 16.82 -17.55 -29.21
N LEU A 71 17.69 -16.76 -29.78
CA LEU A 71 19.06 -17.19 -30.08
C LEU A 71 19.94 -17.15 -28.84
N HIS A 72 19.41 -16.68 -27.70
CA HIS A 72 20.03 -16.92 -26.42
C HIS A 72 19.53 -18.20 -25.81
N GLY A 73 18.26 -18.48 -25.95
CA GLY A 73 17.70 -19.58 -25.20
C GLY A 73 18.08 -20.93 -25.71
N ILE A 74 18.64 -20.98 -26.91
CA ILE A 74 19.13 -22.20 -27.51
C ILE A 74 20.54 -22.54 -27.03
N ALA A 75 21.18 -21.65 -26.27
CA ALA A 75 22.51 -21.93 -25.77
C ALA A 75 22.47 -22.94 -24.64
N GLN A 76 21.60 -22.75 -23.69
CA GLN A 76 21.60 -23.56 -22.48
C GLN A 76 21.16 -25.01 -22.61
N PRO A 77 20.30 -25.41 -23.54
CA PRO A 77 20.25 -26.83 -23.86
C PRO A 77 20.97 -27.14 -25.15
N GLY A 78 21.69 -26.18 -25.68
CA GLY A 78 22.52 -26.46 -26.82
C GLY A 78 23.99 -26.50 -26.50
N VAL A 79 24.35 -26.16 -25.26
CA VAL A 79 25.72 -26.34 -24.82
C VAL A 79 25.96 -27.75 -24.33
N LEU A 80 24.91 -28.55 -24.11
CA LEU A 80 25.10 -29.94 -23.75
C LEU A 80 25.61 -30.75 -24.91
N LEU A 81 25.44 -30.25 -26.14
CA LEU A 81 26.05 -30.89 -27.30
C LEU A 81 27.57 -30.91 -27.22
N ILE A 82 28.16 -29.87 -26.67
CA ILE A 82 29.60 -29.87 -26.46
C ILE A 82 29.94 -30.79 -25.31
N PHE A 83 29.20 -30.67 -24.22
CA PHE A 83 29.43 -31.44 -23.01
C PHE A 83 29.15 -32.92 -23.20
N GLY A 84 28.51 -33.30 -24.29
CA GLY A 84 28.26 -34.69 -24.53
C GLY A 84 29.17 -35.29 -25.57
N THR A 85 29.98 -34.49 -26.24
CA THR A 85 31.04 -35.02 -27.08
C THR A 85 32.38 -34.77 -26.42
N MET A 86 32.33 -34.36 -25.17
CA MET A 86 33.51 -34.12 -24.35
C MET A 86 33.72 -35.20 -23.32
N THR A 87 32.66 -35.64 -22.64
CA THR A 87 32.72 -36.76 -21.73
C THR A 87 32.85 -38.09 -22.43
N ASP A 88 32.92 -38.07 -23.76
CA ASP A 88 33.26 -39.22 -24.57
C ASP A 88 34.68 -39.13 -25.11
N VAL A 89 35.23 -37.93 -25.31
CA VAL A 89 36.60 -37.85 -25.78
C VAL A 89 37.59 -38.04 -24.64
N PHE A 90 37.18 -37.71 -23.41
CA PHE A 90 37.92 -38.15 -22.24
C PHE A 90 37.94 -39.66 -22.15
N ILE A 91 36.79 -40.28 -22.40
CA ILE A 91 36.59 -41.64 -21.96
C ILE A 91 37.17 -42.61 -22.98
N ASP A 92 37.48 -42.15 -24.18
CA ASP A 92 38.28 -42.95 -25.10
C ASP A 92 39.76 -42.78 -24.82
N TYR A 93 40.16 -41.65 -24.27
CA TYR A 93 41.54 -41.51 -23.86
C TYR A 93 41.82 -42.38 -22.64
N ASP A 94 40.84 -42.51 -21.77
CA ASP A 94 41.06 -43.22 -20.52
C ASP A 94 41.08 -44.72 -20.75
N VAL A 95 40.27 -45.21 -21.69
CA VAL A 95 40.20 -46.65 -21.95
C VAL A 95 41.49 -47.14 -22.59
N GLU A 96 42.03 -46.37 -23.54
CA GLU A 96 43.26 -46.78 -24.18
C GLU A 96 44.45 -46.67 -23.24
N LEU A 97 44.44 -45.66 -22.35
CA LEU A 97 45.58 -45.47 -21.48
C LEU A 97 45.60 -46.52 -20.39
N GLN A 98 44.42 -46.88 -19.89
CA GLN A 98 44.36 -47.94 -18.91
C GLN A 98 44.71 -49.28 -19.51
N GLU A 99 44.33 -49.52 -20.76
CA GLU A 99 44.67 -50.78 -21.42
C GLU A 99 46.11 -50.79 -21.87
N LEU A 100 46.74 -49.62 -21.98
CA LEU A 100 48.15 -49.57 -22.34
C LEU A 100 49.05 -50.04 -21.20
N GLN A 101 48.54 -50.06 -19.96
CA GLN A 101 49.42 -50.21 -18.80
C GLN A 101 49.96 -51.63 -18.67
N ILE A 102 49.12 -52.63 -18.84
CA ILE A 102 49.48 -54.01 -18.53
C ILE A 102 49.96 -54.69 -19.81
N PRO A 103 51.06 -55.45 -19.76
CA PRO A 103 51.40 -56.43 -20.82
C PRO A 103 50.78 -57.80 -20.53
N GLY A 104 49.49 -57.92 -20.84
CA GLY A 104 48.75 -59.14 -20.56
C GLY A 104 48.57 -60.05 -21.77
N LYS A 105 47.39 -60.01 -22.38
CA LYS A 105 47.14 -60.76 -23.61
C LYS A 105 48.04 -60.29 -24.75
N ALA A 106 48.24 -58.98 -24.85
CA ALA A 106 49.20 -58.42 -25.80
C ALA A 106 50.60 -58.71 -25.25
N CYS A 107 51.09 -59.90 -25.56
CA CYS A 107 52.32 -60.39 -24.93
C CYS A 107 53.55 -59.75 -25.56
N VAL A 108 53.78 -60.02 -26.84
CA VAL A 108 55.01 -59.63 -27.51
C VAL A 108 54.86 -58.25 -28.11
N ASN A 109 53.78 -57.56 -27.78
CA ASN A 109 53.46 -56.29 -28.39
C ASN A 109 52.65 -55.41 -27.45
N ASN A 110 52.70 -54.11 -27.69
CA ASN A 110 51.59 -53.23 -27.36
C ASN A 110 50.76 -53.08 -28.62
N THR A 111 49.59 -52.44 -28.49
CA THR A 111 48.54 -52.53 -29.50
C THR A 111 48.96 -51.92 -30.84
N ILE A 112 49.15 -50.61 -30.89
CA ILE A 112 49.79 -49.97 -32.03
C ILE A 112 50.83 -49.03 -31.41
N VAL A 113 50.73 -48.84 -30.10
CA VAL A 113 51.66 -47.98 -29.38
C VAL A 113 53.06 -48.63 -29.42
N TRP A 114 54.10 -47.79 -29.28
CA TRP A 114 55.52 -48.12 -29.37
C TRP A 114 55.89 -48.63 -30.75
N THR A 115 55.75 -47.73 -31.73
CA THR A 115 56.29 -47.84 -33.10
C THR A 115 55.70 -49.04 -33.85
N ASN A 116 54.37 -49.05 -33.93
CA ASN A 116 53.67 -49.91 -34.89
C ASN A 116 52.94 -49.10 -35.94
N SER A 117 52.54 -47.87 -35.62
CA SER A 117 52.03 -46.93 -36.60
C SER A 117 53.13 -46.14 -37.30
N SER A 118 54.39 -46.35 -36.94
CA SER A 118 55.51 -45.68 -37.60
C SER A 118 56.29 -46.60 -38.51
N LEU A 119 56.12 -47.91 -38.37
CA LEU A 119 56.78 -48.87 -39.25
C LEU A 119 56.01 -48.99 -40.56
N ASN A 120 56.39 -49.99 -41.37
CA ASN A 120 55.80 -50.18 -42.68
C ASN A 120 54.41 -50.80 -42.57
N GLN A 121 53.42 -49.99 -42.16
CA GLN A 121 51.99 -50.33 -42.16
C GLN A 121 51.70 -51.54 -41.27
N ASN A 122 51.91 -51.36 -39.98
CA ASN A 122 51.76 -52.41 -38.99
C ASN A 122 50.76 -52.03 -37.91
N MET A 123 49.58 -51.59 -38.33
CA MET A 123 48.53 -51.14 -37.40
C MET A 123 47.46 -52.23 -37.33
N THR A 124 47.53 -53.07 -36.30
CA THR A 124 46.63 -54.22 -36.20
C THR A 124 45.24 -53.81 -35.72
N ASN A 125 45.12 -52.62 -35.13
CA ASN A 125 43.84 -52.08 -34.70
C ASN A 125 43.62 -50.66 -35.20
N GLY A 126 44.71 -49.89 -35.36
CA GLY A 126 44.68 -48.59 -35.98
C GLY A 126 44.22 -47.45 -35.10
N THR A 127 43.82 -47.74 -33.86
CA THR A 127 43.20 -46.72 -33.03
C THR A 127 43.99 -46.45 -31.75
N ARG A 128 44.44 -47.51 -31.10
CA ARG A 128 45.14 -47.37 -29.83
C ARG A 128 46.53 -46.80 -30.08
N CYS A 129 46.65 -45.49 -29.99
CA CYS A 129 47.89 -44.80 -30.32
C CYS A 129 47.98 -43.59 -29.42
N GLY A 130 48.81 -42.63 -29.83
CA GLY A 130 48.70 -41.27 -29.35
C GLY A 130 47.85 -40.48 -30.31
N LEU A 131 46.99 -41.17 -31.05
CA LEU A 131 46.13 -40.55 -32.05
C LEU A 131 45.01 -39.76 -31.38
N LEU A 132 44.71 -40.07 -30.12
CA LEU A 132 43.90 -39.15 -29.34
C LEU A 132 44.77 -38.40 -28.35
N ASN A 133 45.11 -37.16 -28.68
CA ASN A 133 45.94 -36.33 -27.82
C ASN A 133 45.07 -35.35 -27.06
N ILE A 134 45.16 -35.35 -25.73
CA ILE A 134 44.30 -34.50 -24.91
C ILE A 134 44.71 -33.04 -25.03
N GLU A 135 46.04 -32.78 -25.06
CA GLU A 135 46.59 -31.46 -25.34
C GLU A 135 45.97 -30.79 -26.55
N SER A 136 45.94 -31.52 -27.66
CA SER A 136 45.40 -30.97 -28.89
C SER A 136 43.89 -30.99 -28.93
N GLU A 137 43.25 -31.52 -27.90
CA GLU A 137 41.81 -31.67 -27.94
C GLU A 137 41.06 -30.77 -26.98
N MET A 138 41.57 -30.54 -25.78
CA MET A 138 40.89 -29.65 -24.86
C MET A 138 41.13 -28.18 -25.18
N ILE A 139 42.12 -27.88 -26.02
CA ILE A 139 42.23 -26.55 -26.60
C ILE A 139 41.14 -26.35 -27.62
N LYS A 140 40.50 -27.42 -28.07
CA LYS A 140 39.43 -27.36 -29.03
C LYS A 140 38.07 -27.47 -28.35
N PHE A 141 38.01 -27.73 -27.05
CA PHE A 141 36.78 -27.61 -26.28
C PHE A 141 36.85 -26.53 -25.21
N ALA A 142 37.84 -25.66 -25.29
CA ALA A 142 37.74 -24.38 -24.64
C ALA A 142 37.65 -23.25 -25.64
N SER A 143 37.88 -23.52 -26.91
CA SER A 143 37.47 -22.59 -27.93
C SER A 143 35.96 -22.54 -28.01
N TYR A 144 35.31 -23.71 -28.04
CA TYR A 144 33.87 -23.78 -28.23
C TYR A 144 33.14 -23.29 -27.00
N TYR A 145 33.67 -23.64 -25.84
CA TYR A 145 32.90 -23.46 -24.62
C TYR A 145 33.03 -22.03 -24.12
N ALA A 146 34.00 -21.28 -24.62
CA ALA A 146 34.19 -19.87 -24.34
C ALA A 146 34.05 -19.04 -25.61
N GLY A 147 33.50 -19.62 -26.65
CA GLY A 147 32.92 -18.87 -27.75
C GLY A 147 31.43 -18.77 -27.67
N ILE A 148 30.79 -19.62 -26.88
CA ILE A 148 29.41 -19.40 -26.50
C ILE A 148 29.32 -18.27 -25.50
N ALA A 149 30.31 -18.15 -24.63
CA ALA A 149 30.26 -17.14 -23.58
C ALA A 149 30.68 -15.76 -24.02
N VAL A 150 30.75 -15.51 -25.32
CA VAL A 150 30.69 -14.16 -25.86
C VAL A 150 29.37 -13.90 -26.55
N ALA A 151 28.83 -14.85 -27.30
CA ALA A 151 27.50 -14.74 -27.86
C ALA A 151 26.45 -15.33 -26.94
N VAL A 152 26.64 -15.19 -25.64
CA VAL A 152 25.57 -15.29 -24.66
C VAL A 152 25.77 -14.12 -23.73
N LEU A 153 26.78 -13.32 -24.03
CA LEU A 153 27.04 -12.03 -23.39
C LEU A 153 26.66 -10.85 -24.27
N ILE A 154 26.75 -10.97 -25.58
CA ILE A 154 26.31 -9.92 -26.46
C ILE A 154 24.92 -10.21 -27.00
N THR A 155 24.31 -11.31 -26.60
CA THR A 155 22.87 -11.47 -26.78
C THR A 155 22.15 -11.86 -25.51
N GLY A 156 22.62 -11.42 -24.36
CA GLY A 156 21.80 -11.34 -23.19
C GLY A 156 21.69 -9.93 -22.67
N TYR A 157 22.41 -9.02 -23.30
CA TYR A 157 22.26 -7.58 -23.19
C TYR A 157 21.58 -7.00 -24.44
N ILE A 158 21.06 -7.86 -25.29
CA ILE A 158 20.25 -7.40 -26.40
C ILE A 158 18.86 -7.98 -26.21
N GLN A 159 18.73 -9.01 -25.40
CA GLN A 159 17.36 -9.41 -25.13
C GLN A 159 16.78 -8.65 -23.97
N ILE A 160 17.52 -7.80 -23.29
CA ILE A 160 16.94 -7.16 -22.12
C ILE A 160 17.21 -5.66 -22.10
N CYS A 161 18.06 -5.16 -22.96
CA CYS A 161 18.17 -3.74 -23.21
C CYS A 161 17.40 -3.34 -24.44
N PHE A 162 16.76 -4.27 -25.13
CA PHE A 162 15.87 -3.91 -26.21
C PHE A 162 14.43 -4.19 -25.93
N TRP A 163 14.09 -4.73 -24.78
CA TRP A 163 12.69 -4.75 -24.43
C TRP A 163 12.35 -3.69 -23.41
N VAL A 164 13.23 -3.45 -22.43
CA VAL A 164 12.90 -2.50 -21.37
C VAL A 164 13.09 -1.08 -21.85
N ILE A 165 13.75 -0.87 -22.98
CA ILE A 165 13.53 0.36 -23.72
C ILE A 165 12.17 0.33 -24.38
N ALA A 166 11.83 -0.81 -24.98
CA ALA A 166 10.69 -0.84 -25.89
C ALA A 166 9.38 -1.06 -25.16
N ALA A 167 9.42 -1.18 -23.84
CA ALA A 167 8.19 -1.06 -23.07
C ALA A 167 8.04 0.33 -22.50
N ALA A 168 9.09 0.85 -21.89
CA ALA A 168 9.04 2.19 -21.34
C ALA A 168 9.17 3.27 -22.39
N ARG A 169 8.98 2.96 -23.66
CA ARG A 169 8.75 3.96 -24.68
C ARG A 169 7.29 3.96 -25.09
N GLN A 170 6.55 2.96 -24.66
CA GLN A 170 5.11 2.90 -24.86
C GLN A 170 4.34 3.38 -23.65
N ILE A 171 4.80 3.08 -22.44
CA ILE A 171 4.12 3.57 -21.27
C ILE A 171 4.33 5.06 -21.06
N GLN A 172 5.39 5.64 -21.60
CA GLN A 172 5.33 7.08 -21.81
C GLN A 172 4.19 7.47 -22.75
N LYS A 173 3.94 6.71 -23.80
CA LYS A 173 2.91 7.11 -24.74
C LYS A 173 1.53 6.77 -24.22
N MET A 174 1.43 5.83 -23.29
CA MET A 174 0.11 5.47 -22.77
C MET A 174 -0.34 6.40 -21.66
N ARG A 175 0.45 6.47 -20.60
CA ARG A 175 0.22 7.30 -19.44
C ARG A 175 0.08 8.77 -19.80
N LYS A 176 0.76 9.22 -20.84
CA LYS A 176 0.49 10.55 -21.35
C LYS A 176 -0.82 10.60 -22.10
N PHE A 177 -1.25 9.51 -22.72
CA PHE A 177 -2.44 9.58 -23.54
C PHE A 177 -3.69 9.32 -22.75
N TYR A 178 -3.58 8.54 -21.68
CA TYR A 178 -4.68 8.36 -20.77
C TYR A 178 -5.03 9.67 -20.09
N PHE A 179 -4.03 10.44 -19.70
CA PHE A 179 -4.31 11.69 -19.01
C PHE A 179 -4.79 12.76 -19.96
N ARG A 180 -4.54 12.63 -21.25
CA ARG A 180 -5.12 13.60 -22.14
C ARG A 180 -6.61 13.37 -22.31
N ARG A 181 -7.09 12.16 -22.11
CA ARG A 181 -8.52 11.97 -22.15
C ARG A 181 -9.10 11.54 -20.81
N ILE A 182 -8.50 11.97 -19.70
CA ILE A 182 -9.27 12.18 -18.49
C ILE A 182 -9.75 13.61 -18.52
N MET A 183 -8.86 14.51 -18.81
CA MET A 183 -9.15 15.92 -18.76
C MET A 183 -10.09 16.39 -19.85
N ARG A 184 -10.73 15.57 -20.66
CA ARG A 184 -11.77 16.03 -21.55
C ARG A 184 -13.14 15.51 -21.20
N MET A 185 -13.26 14.68 -20.16
CA MET A 185 -14.54 14.11 -19.78
C MET A 185 -15.46 15.19 -19.21
N GLU A 186 -16.70 14.80 -18.93
CA GLU A 186 -17.65 15.74 -18.38
C GLU A 186 -17.30 16.03 -16.93
N ILE A 187 -17.99 16.99 -16.34
CA ILE A 187 -17.87 17.17 -14.91
C ILE A 187 -18.59 16.05 -14.17
N GLY A 188 -19.72 15.61 -14.72
CA GLY A 188 -20.52 14.59 -14.06
C GLY A 188 -19.92 13.20 -14.13
N TRP A 189 -19.00 12.97 -15.06
CA TRP A 189 -18.25 11.73 -15.03
C TRP A 189 -17.35 11.66 -13.82
N PHE A 190 -16.80 12.80 -13.40
CA PHE A 190 -16.03 12.84 -12.17
C PHE A 190 -16.93 12.67 -10.95
N ASP A 191 -18.22 12.89 -11.11
CA ASP A 191 -19.12 12.75 -9.98
C ASP A 191 -19.50 11.30 -9.73
N CYS A 192 -19.10 10.37 -10.60
CA CYS A 192 -19.25 8.95 -10.32
C CYS A 192 -17.94 8.18 -10.49
N ASN A 193 -16.81 8.87 -10.51
CA ASN A 193 -15.52 8.21 -10.38
C ASN A 193 -14.62 9.07 -9.50
N SER A 194 -13.96 8.42 -8.56
CA SER A 194 -13.28 9.12 -7.48
C SER A 194 -12.02 9.79 -7.98
N VAL A 195 -11.35 10.52 -7.10
CA VAL A 195 -10.04 11.07 -7.41
C VAL A 195 -8.92 10.31 -6.74
N GLY A 196 -9.13 9.74 -5.57
CA GLY A 196 -8.21 8.81 -4.99
C GLY A 196 -8.28 7.41 -5.57
N GLU A 197 -9.06 7.22 -6.62
CA GLU A 197 -9.09 5.96 -7.36
C GLU A 197 -8.53 6.12 -8.76
N LEU A 198 -8.78 7.25 -9.43
CA LEU A 198 -8.07 7.56 -10.67
C LEU A 198 -6.62 7.88 -10.44
N ASN A 199 -6.22 8.11 -9.20
CA ASN A 199 -4.81 8.30 -8.92
C ASN A 199 -4.11 6.98 -8.68
N THR A 200 -4.88 5.90 -8.51
CA THR A 200 -4.28 4.58 -8.48
C THR A 200 -4.24 3.98 -9.87
N ARG A 201 -5.26 4.25 -10.68
CA ARG A 201 -5.25 3.77 -12.07
C ARG A 201 -4.46 4.69 -12.97
N PHE A 202 -3.48 5.40 -12.43
CA PHE A 202 -2.55 6.16 -13.25
C PHE A 202 -1.12 5.81 -12.88
N SER A 203 -0.93 5.21 -11.71
CA SER A 203 0.43 4.92 -11.28
C SER A 203 0.59 3.48 -10.85
N ASP A 204 -0.41 2.92 -10.18
CA ASP A 204 -0.34 1.56 -9.70
C ASP A 204 -1.11 0.61 -10.59
N ASP A 205 -1.61 1.08 -11.72
CA ASP A 205 -2.35 0.20 -12.61
C ASP A 205 -1.91 0.40 -14.05
N ILE A 206 -0.98 1.32 -14.28
CA ILE A 206 -0.17 1.24 -15.47
C ILE A 206 1.09 0.45 -15.17
N ASN A 207 1.64 0.55 -13.97
CA ASN A 207 2.77 -0.27 -13.56
C ASN A 207 2.43 -1.75 -13.38
N LYS A 208 1.20 -2.16 -13.67
CA LYS A 208 0.92 -3.58 -13.79
C LYS A 208 0.85 -3.99 -15.25
N ILE A 209 0.98 -3.05 -16.19
CA ILE A 209 1.30 -3.41 -17.55
C ILE A 209 2.61 -2.83 -17.99
N ASN A 210 3.50 -2.52 -17.06
CA ASN A 210 4.92 -2.42 -17.33
C ASN A 210 5.63 -3.67 -16.88
N ASP A 211 4.87 -4.71 -16.56
CA ASP A 211 5.43 -6.01 -16.31
C ASP A 211 4.98 -7.04 -17.30
N ALA A 212 3.93 -6.76 -18.06
CA ALA A 212 3.52 -7.66 -19.11
C ALA A 212 4.06 -7.24 -20.45
N ILE A 213 4.89 -6.22 -20.49
CA ILE A 213 5.58 -5.90 -21.72
C ILE A 213 7.09 -5.97 -21.54
N ALA A 214 7.59 -5.60 -20.37
CA ALA A 214 8.96 -5.12 -20.30
C ALA A 214 9.98 -6.24 -20.31
N ASP A 215 10.13 -6.91 -19.25
CA ASP A 215 11.11 -7.95 -19.35
C ASP A 215 10.48 -9.32 -19.29
N GLN A 216 9.29 -9.43 -18.71
CA GLN A 216 8.60 -10.69 -18.66
C GLN A 216 7.99 -11.08 -20.00
N MET A 217 8.29 -10.38 -21.07
CA MET A 217 8.11 -10.98 -22.39
C MET A 217 9.46 -11.39 -22.95
N ALA A 218 10.51 -10.69 -22.55
CA ALA A 218 11.83 -10.96 -23.07
C ALA A 218 12.44 -12.15 -22.40
N LEU A 219 11.97 -12.46 -21.23
CA LEU A 219 12.48 -13.51 -20.39
C LEU A 219 11.53 -14.67 -20.38
N PHE A 220 10.72 -14.74 -21.42
CA PHE A 220 9.76 -15.77 -21.69
C PHE A 220 9.90 -16.34 -23.08
N ILE A 221 10.46 -15.58 -24.01
CA ILE A 221 10.75 -16.13 -25.32
C ILE A 221 12.22 -16.55 -25.29
N GLN A 222 12.75 -16.67 -24.08
CA GLN A 222 13.84 -17.56 -23.73
C GLN A 222 13.35 -18.83 -23.06
N ARG A 223 12.53 -18.73 -22.02
CA ARG A 223 12.19 -19.92 -21.24
C ARG A 223 11.06 -20.70 -21.85
N MET A 224 10.72 -20.47 -23.10
CA MET A 224 9.80 -21.36 -23.77
C MET A 224 10.38 -21.75 -25.11
N THR A 225 11.57 -21.25 -25.42
CA THR A 225 12.33 -21.80 -26.52
C THR A 225 13.52 -22.62 -26.07
N SER A 226 13.74 -22.78 -24.77
CA SER A 226 14.62 -23.86 -24.32
C SER A 226 13.81 -25.03 -23.81
N THR A 227 12.50 -24.99 -23.99
CA THR A 227 11.66 -26.16 -23.80
C THR A 227 11.29 -26.77 -25.14
N ILE A 228 10.97 -25.93 -26.12
CA ILE A 228 10.79 -26.43 -27.48
C ILE A 228 12.11 -26.93 -28.05
N CYS A 229 13.23 -26.34 -27.65
CA CYS A 229 14.54 -26.84 -28.07
C CYS A 229 15.22 -27.63 -26.97
N GLY A 230 14.57 -27.85 -25.85
CA GLY A 230 15.12 -28.70 -24.84
C GLY A 230 14.69 -30.13 -25.04
N PHE A 231 13.37 -30.37 -25.15
CA PHE A 231 12.88 -31.72 -25.32
C PHE A 231 13.15 -32.25 -26.70
N LEU A 232 12.92 -31.44 -27.72
CA LEU A 232 13.05 -31.86 -29.10
C LEU A 232 14.50 -32.11 -29.50
N LEU A 233 15.44 -31.59 -28.72
CA LEU A 233 16.83 -31.95 -28.91
C LEU A 233 17.14 -33.29 -28.26
N GLY A 234 16.21 -33.82 -27.48
CA GLY A 234 16.30 -35.20 -27.09
C GLY A 234 15.85 -36.14 -28.19
N PHE A 235 14.68 -35.86 -28.77
CA PHE A 235 14.11 -36.72 -29.81
C PHE A 235 14.94 -36.71 -31.08
N PHE A 236 15.83 -35.75 -31.24
CA PHE A 236 16.80 -35.78 -32.32
C PHE A 236 17.76 -36.95 -32.17
N ARG A 237 18.07 -37.34 -30.95
CA ARG A 237 18.99 -38.45 -30.68
C ARG A 237 18.32 -39.62 -29.97
N GLY A 238 17.82 -39.40 -28.77
CA GLY A 238 17.45 -40.49 -27.91
C GLY A 238 16.00 -40.93 -27.84
N TRP A 239 15.36 -41.19 -28.98
CA TRP A 239 13.90 -41.28 -29.04
C TRP A 239 13.34 -42.41 -28.20
N LYS A 240 14.15 -43.42 -27.91
CA LYS A 240 13.67 -44.48 -27.05
C LYS A 240 14.21 -44.34 -25.65
N LEU A 241 14.91 -43.25 -25.37
CA LEU A 241 15.34 -43.03 -24.00
C LEU A 241 14.77 -41.75 -23.43
N THR A 242 14.54 -40.74 -24.27
CA THR A 242 13.92 -39.55 -23.71
C THR A 242 12.40 -39.61 -23.76
N LEU A 243 11.83 -40.81 -23.77
CA LEU A 243 10.42 -41.04 -23.46
C LEU A 243 10.23 -41.66 -22.09
N VAL A 244 11.24 -42.36 -21.59
CA VAL A 244 11.12 -42.98 -20.28
C VAL A 244 11.60 -41.97 -19.25
N ILE A 245 12.05 -40.82 -19.74
CA ILE A 245 12.30 -39.68 -18.89
C ILE A 245 11.21 -38.61 -19.02
N ILE A 246 10.72 -38.36 -20.22
CA ILE A 246 9.68 -37.35 -20.38
C ILE A 246 8.34 -37.84 -19.86
N SER A 247 8.18 -39.13 -19.62
CA SER A 247 7.00 -39.64 -18.94
C SER A 247 7.01 -39.35 -17.44
N VAL A 248 8.10 -38.81 -16.90
CA VAL A 248 8.08 -38.27 -15.55
C VAL A 248 8.28 -36.76 -15.55
N SER A 249 8.57 -36.17 -16.70
CA SER A 249 8.71 -34.73 -16.83
C SER A 249 7.49 -33.84 -16.56
N PRO A 250 6.23 -34.28 -16.64
CA PRO A 250 5.18 -33.43 -16.06
C PRO A 250 5.29 -33.31 -14.56
N LEU A 251 5.68 -34.38 -13.87
CA LEU A 251 5.65 -34.38 -12.41
C LEU A 251 6.86 -33.67 -11.78
N ILE A 252 7.66 -32.98 -12.58
CA ILE A 252 8.63 -31.99 -12.10
C ILE A 252 8.19 -30.64 -12.62
N GLY A 253 7.54 -30.65 -13.80
CA GLY A 253 7.06 -29.40 -14.37
C GLY A 253 5.90 -28.79 -13.63
N ILE A 254 5.20 -29.58 -12.81
CA ILE A 254 4.22 -29.02 -11.89
C ILE A 254 4.94 -28.41 -10.69
N GLY A 255 5.94 -29.11 -10.15
CA GLY A 255 6.54 -28.70 -8.89
C GLY A 255 7.46 -27.50 -9.03
N ALA A 256 8.14 -27.38 -10.17
CA ALA A 256 8.94 -26.18 -10.39
C ALA A 256 8.07 -24.96 -10.67
N ALA A 257 6.81 -25.17 -11.08
CA ALA A 257 5.88 -24.06 -11.30
C ALA A 257 5.46 -23.45 -9.98
N THR A 258 4.86 -24.26 -9.12
CA THR A 258 4.29 -23.75 -7.88
C THR A 258 5.31 -23.54 -6.78
N ILE A 259 6.60 -23.45 -7.10
CA ILE A 259 7.53 -22.78 -6.20
C ILE A 259 7.54 -21.28 -6.48
N GLY A 260 7.71 -20.88 -7.73
CA GLY A 260 7.78 -19.47 -8.07
C GLY A 260 6.42 -18.81 -8.12
N LEU A 261 5.40 -19.57 -8.50
CA LEU A 261 4.06 -19.03 -8.62
C LEU A 261 3.37 -18.86 -7.27
N SER A 262 3.67 -19.70 -6.29
CA SER A 262 2.94 -19.69 -5.02
C SER A 262 3.36 -18.58 -4.07
N VAL A 263 4.62 -18.16 -4.12
CA VAL A 263 5.04 -16.99 -3.34
C VAL A 263 4.34 -15.74 -3.86
N SER A 264 4.17 -15.64 -5.19
CA SER A 264 3.34 -14.58 -5.75
C SER A 264 1.86 -14.94 -5.76
N LYS A 265 1.45 -15.99 -5.06
CA LYS A 265 0.04 -16.26 -4.84
C LYS A 265 -0.33 -16.25 -3.36
N PHE A 266 0.55 -16.75 -2.49
CA PHE A 266 0.23 -16.76 -1.06
C PHE A 266 0.50 -15.44 -0.35
N THR A 267 0.55 -14.32 -1.05
CA THR A 267 0.58 -13.03 -0.35
C THR A 267 -0.82 -12.56 0.00
N ASP A 268 -1.65 -12.29 -1.01
CA ASP A 268 -3.02 -11.84 -0.75
C ASP A 268 -3.90 -12.99 -0.29
N TYR A 269 -3.46 -14.23 -0.50
CA TYR A 269 -4.10 -15.39 0.08
C TYR A 269 -3.91 -15.42 1.58
N GLU A 270 -2.87 -14.76 2.07
CA GLU A 270 -2.49 -14.72 3.48
C GLU A 270 -2.74 -13.38 4.14
N LEU A 271 -2.58 -12.28 3.42
CA LEU A 271 -2.73 -10.93 3.96
C LEU A 271 -4.15 -10.62 4.39
N LYS A 272 -5.12 -11.37 3.88
CA LYS A 272 -6.51 -11.20 4.28
C LYS A 272 -6.96 -12.16 5.37
N ALA A 273 -6.18 -13.20 5.66
CA ALA A 273 -6.57 -14.07 6.76
C ALA A 273 -6.19 -13.45 8.09
N TYR A 274 -5.24 -12.51 8.08
CA TYR A 274 -4.92 -11.77 9.30
C TYR A 274 -6.03 -10.81 9.69
N ALA A 275 -6.64 -10.12 8.71
CA ALA A 275 -7.44 -8.94 8.96
C ALA A 275 -8.75 -9.19 9.67
N LYS A 276 -9.04 -10.43 10.11
CA LYS A 276 -10.10 -10.59 11.11
C LYS A 276 -9.64 -10.02 12.44
N ALA A 277 -8.35 -10.13 12.73
CA ALA A 277 -7.75 -9.37 13.82
C ALA A 277 -7.61 -7.90 13.46
N GLY A 278 -7.54 -7.57 12.18
CA GLY A 278 -7.29 -6.24 11.66
C GLY A 278 -8.37 -5.23 11.93
N VAL A 279 -9.52 -5.64 12.43
CA VAL A 279 -10.54 -4.72 12.90
C VAL A 279 -10.50 -4.56 14.42
N VAL A 280 -10.24 -5.65 15.15
CA VAL A 280 -10.25 -5.64 16.62
C VAL A 280 -9.08 -4.83 17.14
N ALA A 281 -7.97 -4.83 16.41
CA ALA A 281 -6.92 -3.84 16.63
C ALA A 281 -7.45 -2.43 16.42
N ASP A 282 -7.90 -2.13 15.20
CA ASP A 282 -8.24 -0.75 14.89
C ASP A 282 -9.66 -0.39 15.31
N GLU A 283 -10.34 -1.26 16.05
CA GLU A 283 -11.53 -0.82 16.80
C GLU A 283 -11.09 -0.08 18.05
N VAL A 284 -10.31 -0.76 18.89
CA VAL A 284 -9.96 -0.24 20.21
C VAL A 284 -9.03 0.95 20.09
N ILE A 285 -8.03 0.85 19.22
CA ILE A 285 -7.06 1.93 19.02
C ILE A 285 -7.76 3.15 18.41
N SER A 286 -8.86 2.94 17.71
CA SER A 286 -9.70 4.06 17.32
C SER A 286 -10.56 4.56 18.48
N SER A 287 -11.06 3.66 19.32
CA SER A 287 -12.00 4.01 20.39
C SER A 287 -11.34 4.02 21.75
N MET A 288 -10.11 4.54 21.84
CA MET A 288 -9.25 4.32 22.98
C MET A 288 -9.71 5.02 24.25
N ARG A 289 -10.42 6.14 24.13
CA ARG A 289 -10.90 6.87 25.30
C ARG A 289 -11.86 6.05 26.13
N THR A 290 -12.75 5.31 25.49
CA THR A 290 -13.85 4.62 26.14
C THR A 290 -13.42 3.33 26.83
N VAL A 291 -12.53 2.57 26.19
CA VAL A 291 -12.03 1.34 26.81
C VAL A 291 -11.19 1.69 28.02
N ALA A 292 -10.45 2.79 27.95
CA ALA A 292 -9.72 3.28 29.10
C ALA A 292 -10.59 4.12 30.01
N ALA A 293 -11.83 4.37 29.64
CA ALA A 293 -12.70 5.09 30.57
C ALA A 293 -13.21 4.20 31.69
N PHE A 294 -13.32 2.90 31.45
CA PHE A 294 -13.86 1.97 32.42
C PHE A 294 -12.84 0.99 32.95
N GLY A 295 -11.64 0.99 32.39
CA GLY A 295 -10.59 0.10 32.83
C GLY A 295 -10.61 -1.27 32.21
N GLY A 296 -11.43 -1.48 31.19
CA GLY A 296 -11.51 -2.78 30.57
C GLY A 296 -10.34 -3.10 29.67
N GLU A 297 -9.14 -3.19 30.23
CA GLU A 297 -7.97 -3.54 29.42
C GLU A 297 -7.57 -4.99 29.55
N LYS A 298 -7.72 -5.58 30.73
CA LYS A 298 -7.28 -6.96 30.94
C LYS A 298 -8.13 -7.98 30.21
N ARG A 299 -9.40 -7.66 29.95
CA ARG A 299 -10.19 -8.47 29.04
C ARG A 299 -10.37 -7.78 27.70
N GLU A 300 -9.32 -7.17 27.16
CA GLU A 300 -9.35 -6.61 25.82
C GLU A 300 -8.13 -7.08 25.04
N VAL A 301 -7.24 -7.82 25.67
CA VAL A 301 -6.36 -8.69 24.91
C VAL A 301 -6.99 -10.07 24.75
N GLU A 302 -8.09 -10.35 25.47
CA GLU A 302 -8.79 -11.61 25.30
C GLU A 302 -9.53 -11.67 23.98
N ARG A 303 -9.83 -10.51 23.40
CA ARG A 303 -10.34 -10.46 22.04
C ARG A 303 -9.20 -10.34 21.04
N TYR A 304 -7.97 -10.45 21.49
CA TYR A 304 -6.82 -10.45 20.61
C TYR A 304 -5.78 -11.49 21.01
N GLU A 305 -6.06 -12.26 22.06
CA GLU A 305 -5.37 -13.53 22.24
C GLU A 305 -6.03 -14.61 21.38
N LYS A 306 -7.36 -14.65 21.41
CA LYS A 306 -8.14 -15.65 20.71
C LYS A 306 -8.09 -15.42 19.20
N ASN A 307 -8.47 -14.22 18.75
CA ASN A 307 -8.75 -13.99 17.34
C ASN A 307 -7.48 -13.81 16.50
N LEU A 308 -6.33 -14.24 16.99
CA LEU A 308 -5.12 -14.16 16.19
C LEU A 308 -4.81 -15.47 15.48
N VAL A 309 -5.34 -16.60 15.96
CA VAL A 309 -4.94 -17.91 15.47
C VAL A 309 -5.34 -18.18 14.03
N PHE A 310 -6.16 -17.32 13.41
CA PHE A 310 -6.53 -17.55 12.03
C PHE A 310 -5.43 -17.19 11.05
N ALA A 311 -4.37 -16.55 11.53
CA ALA A 311 -3.14 -16.42 10.77
C ALA A 311 -1.99 -17.11 11.45
N GLN A 312 -2.22 -17.72 12.61
CA GLN A 312 -1.19 -18.54 13.21
C GLN A 312 -1.09 -19.88 12.53
N ARG A 313 -2.16 -20.33 11.87
CA ARG A 313 -2.14 -21.53 11.05
C ARG A 313 -2.41 -21.26 9.59
N TRP A 314 -2.24 -20.02 9.13
CA TRP A 314 -2.34 -19.74 7.70
C TRP A 314 -0.97 -19.36 7.15
N GLY A 315 0.06 -19.44 7.99
CA GLY A 315 1.42 -19.18 7.59
C GLY A 315 2.34 -20.36 7.91
N ILE A 316 1.90 -21.23 8.81
CA ILE A 316 2.44 -22.58 8.90
C ILE A 316 2.23 -23.29 7.57
N ARG A 317 1.04 -23.17 7.04
CA ARG A 317 0.59 -23.87 5.86
C ARG A 317 1.23 -23.34 4.60
N LYS A 318 1.88 -22.17 4.65
CA LYS A 318 2.80 -21.76 3.60
C LYS A 318 4.17 -22.39 3.76
N GLY A 319 4.55 -22.73 4.98
CA GLY A 319 5.85 -23.33 5.21
C GLY A 319 5.95 -24.75 4.68
N ILE A 320 4.87 -25.53 4.80
CA ILE A 320 4.85 -26.85 4.18
C ILE A 320 4.86 -26.71 2.66
N VAL A 321 3.86 -26.03 2.11
CA VAL A 321 3.57 -26.02 0.68
C VAL A 321 4.64 -25.33 -0.16
N MET A 322 5.51 -24.51 0.44
CA MET A 322 6.67 -24.03 -0.31
C MET A 322 7.95 -24.73 0.16
N GLY A 323 7.88 -25.46 1.25
CA GLY A 323 9.05 -26.20 1.68
C GLY A 323 9.01 -27.64 1.25
N PHE A 324 7.83 -28.21 1.10
CA PHE A 324 7.70 -29.55 0.57
C PHE A 324 7.96 -29.60 -0.92
N PHE A 325 7.65 -28.53 -1.64
CA PHE A 325 7.73 -28.49 -3.09
C PHE A 325 9.12 -28.18 -3.61
N THR A 326 10.06 -27.75 -2.79
CA THR A 326 11.45 -27.75 -3.20
C THR A 326 12.08 -29.06 -2.76
N GLY A 327 11.29 -29.95 -2.19
CA GLY A 327 11.76 -31.30 -1.98
C GLY A 327 11.25 -32.18 -3.09
N PHE A 328 10.11 -31.82 -3.66
CA PHE A 328 9.46 -32.61 -4.69
C PHE A 328 9.85 -32.15 -6.07
N VAL A 329 10.88 -31.33 -6.17
CA VAL A 329 11.69 -31.25 -7.37
C VAL A 329 13.01 -32.00 -7.17
N TRP A 330 13.59 -31.96 -5.98
CA TRP A 330 14.80 -32.71 -5.69
C TRP A 330 14.52 -34.15 -5.32
N CYS A 331 13.28 -34.55 -5.07
CA CYS A 331 13.01 -35.98 -5.06
C CYS A 331 12.74 -36.49 -6.46
N LEU A 332 12.43 -35.61 -7.38
CA LEU A 332 12.14 -36.05 -8.73
C LEU A 332 13.29 -35.89 -9.70
N ILE A 333 14.24 -34.99 -9.48
CA ILE A 333 15.44 -34.99 -10.30
C ILE A 333 16.30 -36.20 -10.00
N PHE A 334 16.50 -36.48 -8.71
CA PHE A 334 17.42 -37.54 -8.32
C PHE A 334 16.87 -38.89 -8.67
N LEU A 335 15.57 -39.04 -8.59
CA LEU A 335 14.99 -40.32 -8.95
C LEU A 335 14.90 -40.45 -10.46
N CYS A 336 14.85 -39.32 -11.17
CA CYS A 336 15.00 -39.36 -12.62
C CYS A 336 16.41 -39.73 -13.04
N TYR A 337 17.43 -39.33 -12.26
CA TYR A 337 18.78 -39.81 -12.54
C TYR A 337 18.88 -41.30 -12.31
N ALA A 338 18.08 -41.84 -11.41
CA ALA A 338 18.10 -43.27 -11.20
C ALA A 338 17.53 -43.99 -12.40
N LEU A 339 16.48 -43.43 -12.98
CA LEU A 339 15.80 -44.09 -14.08
C LEU A 339 16.47 -43.80 -15.40
N ALA A 340 17.26 -42.73 -15.48
CA ALA A 340 18.00 -42.49 -16.70
C ALA A 340 19.28 -43.30 -16.74
N PHE A 341 20.02 -43.36 -15.64
CA PHE A 341 21.31 -44.06 -15.65
C PHE A 341 21.14 -45.57 -15.68
N TRP A 342 20.20 -46.10 -14.89
CA TRP A 342 20.04 -47.55 -14.85
C TRP A 342 19.49 -48.10 -16.15
N TYR A 343 18.37 -47.55 -16.61
CA TYR A 343 17.81 -47.98 -17.87
C TYR A 343 18.69 -47.58 -19.03
N GLY A 344 19.40 -46.45 -18.92
CA GLY A 344 20.28 -46.05 -20.00
C GLY A 344 21.53 -46.92 -20.09
N SER A 345 21.97 -47.48 -18.97
CA SER A 345 23.10 -48.37 -19.03
C SER A 345 22.74 -49.73 -19.59
N THR A 346 21.45 -50.04 -19.73
CA THR A 346 21.07 -51.21 -20.50
C THR A 346 21.48 -51.04 -21.94
N LEU A 347 21.14 -49.91 -22.54
CA LEU A 347 21.33 -49.71 -23.98
C LEU A 347 22.80 -49.58 -24.34
N VAL A 348 23.56 -48.85 -23.52
CA VAL A 348 24.89 -48.39 -23.90
C VAL A 348 25.89 -49.53 -23.86
N LEU A 349 25.51 -50.67 -23.29
CA LEU A 349 26.42 -51.79 -23.13
C LEU A 349 26.06 -52.96 -24.03
N ASP A 350 24.79 -53.17 -24.36
CA ASP A 350 24.42 -54.34 -25.16
C ASP A 350 24.18 -54.02 -26.63
N GLU A 351 23.48 -52.92 -26.93
CA GLU A 351 23.23 -52.55 -28.31
C GLU A 351 24.42 -51.84 -28.91
N GLY A 352 25.08 -51.00 -28.13
CA GLY A 352 26.07 -50.10 -28.67
C GLY A 352 25.48 -48.94 -29.43
N GLU A 353 24.16 -48.77 -29.42
CA GLU A 353 23.58 -47.72 -30.24
C GLU A 353 23.72 -46.36 -29.56
N TYR A 354 23.89 -46.33 -28.26
CA TYR A 354 24.27 -45.08 -27.60
C TYR A 354 25.72 -45.19 -27.14
N THR A 355 26.37 -44.05 -27.11
CA THR A 355 27.71 -43.89 -26.58
C THR A 355 27.61 -43.16 -25.26
N PRO A 356 28.57 -43.31 -24.35
CA PRO A 356 28.39 -42.78 -22.98
C PRO A 356 28.32 -41.27 -22.89
N GLY A 357 28.62 -40.56 -23.96
CA GLY A 357 28.46 -39.13 -23.96
C GLY A 357 27.17 -38.75 -24.64
N THR A 358 26.54 -39.71 -25.31
CA THR A 358 25.20 -39.50 -25.83
C THR A 358 24.16 -39.75 -24.75
N LEU A 359 24.55 -40.40 -23.67
CA LEU A 359 23.65 -40.76 -22.60
C LEU A 359 23.55 -39.70 -21.53
N VAL A 360 24.58 -38.89 -21.32
CA VAL A 360 24.51 -37.83 -20.32
C VAL A 360 24.12 -36.54 -21.02
N GLN A 361 23.78 -36.63 -22.27
CA GLN A 361 23.38 -35.48 -23.05
C GLN A 361 21.90 -35.46 -23.33
N ILE A 362 21.21 -36.60 -23.29
CA ILE A 362 19.78 -36.57 -23.55
C ILE A 362 18.98 -36.88 -22.30
N PHE A 363 19.58 -36.75 -21.13
CA PHE A 363 18.73 -36.40 -20.01
C PHE A 363 19.24 -35.22 -19.25
N LEU A 364 20.34 -34.64 -19.66
CA LEU A 364 20.64 -33.36 -19.08
C LEU A 364 20.18 -32.26 -20.03
N SER A 365 19.49 -32.67 -21.08
CA SER A 365 18.77 -31.74 -21.94
C SER A 365 17.28 -31.82 -21.68
N VAL A 366 16.84 -32.81 -20.91
CA VAL A 366 15.44 -32.93 -20.54
C VAL A 366 15.21 -32.36 -19.15
N ILE A 367 16.23 -32.40 -18.30
CA ILE A 367 16.16 -31.70 -17.03
C ILE A 367 16.18 -30.19 -17.22
N VAL A 368 17.14 -29.67 -18.01
CA VAL A 368 17.12 -28.24 -18.28
C VAL A 368 16.13 -27.95 -19.38
N GLY A 369 15.55 -28.97 -19.98
CA GLY A 369 14.43 -28.69 -20.84
C GLY A 369 13.12 -28.54 -20.11
N ALA A 370 12.99 -29.10 -18.91
CA ALA A 370 11.74 -29.01 -18.15
C ALA A 370 11.93 -28.24 -16.86
N LEU A 371 13.11 -27.73 -16.58
CA LEU A 371 13.20 -26.66 -15.60
C LEU A 371 12.56 -25.39 -16.13
N ASN A 372 12.87 -25.01 -17.37
CA ASN A 372 12.42 -23.73 -17.86
C ASN A 372 10.91 -23.73 -18.11
N LEU A 373 10.35 -24.84 -18.55
CA LEU A 373 8.91 -24.93 -18.79
C LEU A 373 8.10 -24.79 -17.51
N GLY A 374 8.71 -25.02 -16.37
CA GLY A 374 8.04 -24.77 -15.12
C GLY A 374 8.59 -23.52 -14.48
N ASN A 375 9.56 -22.88 -15.14
CA ASN A 375 10.10 -21.63 -14.63
C ASN A 375 9.69 -20.47 -15.52
N ALA A 376 8.84 -20.73 -16.50
CA ALA A 376 8.19 -19.69 -17.27
C ALA A 376 6.79 -19.41 -16.80
N SER A 377 6.25 -20.25 -15.93
CA SER A 377 4.95 -19.99 -15.33
C SER A 377 4.91 -18.86 -14.30
N PRO A 378 5.97 -18.53 -13.56
CA PRO A 378 5.93 -17.23 -12.85
C PRO A 378 6.01 -16.03 -13.74
N CYS A 379 6.20 -16.22 -15.02
CA CYS A 379 6.28 -15.18 -16.03
C CYS A 379 5.03 -15.11 -16.86
N LEU A 380 4.14 -16.10 -16.73
CA LEU A 380 2.87 -16.12 -17.44
C LEU A 380 1.71 -15.90 -16.49
N GLU A 381 1.98 -15.78 -15.20
CA GLU A 381 1.05 -15.15 -14.30
C GLU A 381 1.04 -13.64 -14.48
N ALA A 382 2.16 -13.05 -14.89
CA ALA A 382 2.27 -11.60 -15.03
C ALA A 382 1.85 -11.13 -16.41
N PHE A 383 1.19 -11.98 -17.18
CA PHE A 383 0.44 -11.54 -18.36
C PHE A 383 -1.04 -11.45 -18.06
N ALA A 384 -1.60 -12.42 -17.36
CA ALA A 384 -3.01 -12.38 -17.03
C ALA A 384 -3.31 -11.38 -15.95
N THR A 385 -2.31 -10.99 -15.18
CA THR A 385 -2.46 -9.83 -14.31
C THR A 385 -2.50 -8.53 -15.10
N GLY A 386 -1.59 -8.35 -16.05
CA GLY A 386 -1.61 -7.19 -16.91
C GLY A 386 -2.81 -7.11 -17.82
N ARG A 387 -3.18 -8.22 -18.45
CA ARG A 387 -4.29 -8.21 -19.40
C ARG A 387 -5.63 -7.96 -18.73
N ALA A 388 -5.79 -8.34 -17.47
CA ALA A 388 -7.05 -8.14 -16.78
C ALA A 388 -7.05 -6.92 -15.89
N ALA A 389 -5.93 -6.21 -15.77
CA ALA A 389 -5.90 -4.93 -15.08
C ALA A 389 -5.60 -3.79 -16.00
N ALA A 390 -5.74 -3.98 -17.30
CA ALA A 390 -5.70 -2.86 -18.21
C ALA A 390 -7.03 -2.65 -18.90
N THR A 391 -8.07 -3.37 -18.49
CA THR A 391 -9.33 -3.12 -19.16
C THR A 391 -10.01 -1.87 -18.65
N SER A 392 -9.53 -1.29 -17.56
CA SER A 392 -10.08 -0.01 -17.10
C SER A 392 -9.49 1.13 -17.91
N ILE A 393 -8.20 1.07 -18.17
CA ILE A 393 -7.51 2.12 -18.91
C ILE A 393 -8.00 2.15 -20.35
N PHE A 394 -8.10 0.99 -20.98
CA PHE A 394 -8.56 0.94 -22.36
C PHE A 394 -10.03 1.22 -22.51
N GLU A 395 -10.78 1.37 -21.43
CA GLU A 395 -12.17 1.80 -21.55
C GLU A 395 -12.32 3.29 -21.30
N THR A 396 -11.31 3.93 -20.70
CA THR A 396 -11.35 5.37 -20.45
C THR A 396 -10.76 6.16 -21.61
N ILE A 397 -9.82 5.57 -22.35
CA ILE A 397 -9.20 6.23 -23.49
C ILE A 397 -10.19 6.48 -24.62
N ASP A 398 -11.28 5.73 -24.69
CA ASP A 398 -12.18 5.80 -25.84
C ASP A 398 -13.66 5.91 -25.51
N ARG A 399 -14.07 6.86 -24.67
CA ARG A 399 -15.50 7.01 -24.44
C ARG A 399 -16.13 8.12 -25.27
N LYS A 400 -15.33 9.05 -25.82
CA LYS A 400 -15.73 10.23 -26.62
C LYS A 400 -16.85 11.02 -25.96
N PRO A 401 -16.50 11.90 -25.00
CA PRO A 401 -17.46 12.45 -24.04
C PRO A 401 -18.56 13.30 -24.62
N ILE A 402 -19.54 13.64 -23.79
CA ILE A 402 -20.71 14.38 -24.26
C ILE A 402 -20.35 15.83 -24.56
N ILE A 403 -19.71 16.51 -23.62
CA ILE A 403 -19.22 17.86 -23.80
C ILE A 403 -17.69 17.80 -23.72
N ASP A 404 -17.02 18.31 -24.75
CA ASP A 404 -15.59 18.10 -24.88
C ASP A 404 -14.74 18.86 -23.89
N CYS A 405 -15.12 20.11 -23.57
CA CYS A 405 -14.24 21.17 -23.08
C CYS A 405 -13.06 21.42 -24.03
N MET A 406 -13.24 21.13 -25.31
CA MET A 406 -12.33 21.45 -26.39
C MET A 406 -12.95 22.52 -27.27
N SER A 407 -12.24 22.91 -28.32
CA SER A 407 -12.55 24.17 -28.98
C SER A 407 -13.40 24.06 -30.24
N GLU A 408 -13.10 23.11 -31.13
CA GLU A 408 -13.49 23.22 -32.54
C GLU A 408 -14.98 23.04 -32.78
N ASP A 409 -15.55 21.93 -32.34
CA ASP A 409 -16.91 21.53 -32.73
C ASP A 409 -17.96 22.39 -32.02
N GLY A 410 -18.29 23.51 -32.64
CA GLY A 410 -19.31 24.37 -32.07
C GLY A 410 -19.66 25.60 -32.89
N TYR A 411 -20.13 26.64 -32.21
CA TYR A 411 -20.67 27.83 -32.86
C TYR A 411 -20.20 29.06 -32.09
N LYS A 412 -19.80 30.09 -32.82
CA LYS A 412 -19.15 31.25 -32.26
C LYS A 412 -20.02 32.49 -32.41
N LEU A 413 -20.05 33.31 -31.37
CA LEU A 413 -20.89 34.50 -31.34
C LEU A 413 -20.13 35.61 -30.64
N ASP A 414 -20.35 36.86 -31.09
CA ASP A 414 -19.62 38.01 -30.60
C ASP A 414 -20.57 39.14 -30.22
N ARG A 415 -20.00 40.16 -29.57
CA ARG A 415 -20.72 41.32 -29.03
C ARG A 415 -21.85 40.89 -28.10
N ILE A 416 -21.47 40.17 -27.07
CA ILE A 416 -22.41 39.48 -26.21
C ILE A 416 -22.99 40.46 -25.20
N LYS A 417 -24.31 40.58 -25.20
CA LYS A 417 -25.01 41.36 -24.19
C LYS A 417 -25.14 40.60 -22.88
N GLY A 418 -25.48 39.33 -22.94
CA GLY A 418 -25.69 38.54 -21.75
C GLY A 418 -27.14 38.47 -21.34
N GLU A 419 -28.03 38.32 -22.31
CA GLU A 419 -29.44 38.10 -22.02
C GLU A 419 -29.58 36.67 -21.54
N ILE A 420 -29.42 36.48 -20.25
CA ILE A 420 -29.40 35.15 -19.67
C ILE A 420 -30.84 34.71 -19.45
N GLU A 421 -31.14 33.48 -19.85
CA GLU A 421 -32.50 32.98 -19.82
C GLU A 421 -32.55 31.61 -19.17
N PHE A 422 -33.66 31.34 -18.49
CA PHE A 422 -33.98 30.02 -17.95
C PHE A 422 -35.37 29.62 -18.42
N HIS A 423 -35.44 28.80 -19.45
CA HIS A 423 -36.68 28.14 -19.82
C HIS A 423 -36.89 26.92 -18.94
N ASN A 424 -38.04 26.27 -19.13
CA ASN A 424 -38.53 25.29 -18.18
C ASN A 424 -37.67 24.03 -18.14
N VAL A 425 -36.80 23.95 -17.14
CA VAL A 425 -35.86 22.86 -17.01
C VAL A 425 -36.42 21.81 -16.07
N THR A 426 -35.91 20.60 -16.23
CA THR A 426 -35.95 19.56 -15.22
C THR A 426 -34.59 18.91 -15.20
N PHE A 427 -34.19 18.39 -14.04
CA PHE A 427 -32.77 18.10 -13.90
C PHE A 427 -32.54 17.08 -12.80
N HIS A 428 -31.90 15.98 -13.16
CA HIS A 428 -31.38 15.02 -12.21
C HIS A 428 -29.88 15.21 -12.12
N TYR A 429 -29.26 14.55 -11.17
CA TYR A 429 -27.82 14.35 -11.15
C TYR A 429 -27.49 13.02 -11.78
N PRO A 430 -26.28 12.85 -12.28
CA PRO A 430 -25.81 11.50 -12.61
C PRO A 430 -25.39 10.71 -11.39
N SER A 431 -25.27 11.39 -10.24
CA SER A 431 -25.01 10.69 -8.99
C SER A 431 -26.30 10.17 -8.37
N ARG A 432 -27.24 11.06 -8.11
CA ARG A 432 -28.55 10.71 -7.56
C ARG A 432 -29.59 10.95 -8.65
N PRO A 433 -29.91 9.94 -9.47
CA PRO A 433 -30.71 10.19 -10.68
C PRO A 433 -32.21 10.25 -10.45
N GLU A 434 -32.68 10.24 -9.21
CA GLU A 434 -34.11 10.17 -8.96
C GLU A 434 -34.69 11.48 -8.46
N VAL A 435 -33.94 12.25 -7.67
CA VAL A 435 -34.46 13.50 -7.14
C VAL A 435 -34.57 14.54 -8.24
N LYS A 436 -35.67 15.30 -8.23
CA LYS A 436 -35.90 16.37 -9.19
C LYS A 436 -35.50 17.66 -8.50
N ILE A 437 -34.31 18.17 -8.86
CA ILE A 437 -33.81 19.39 -8.23
C ILE A 437 -34.50 20.61 -8.81
N LEU A 438 -34.64 20.69 -10.12
CA LEU A 438 -35.31 21.81 -10.77
C LEU A 438 -36.55 21.30 -11.47
N ASN A 439 -37.61 22.13 -11.46
CA ASN A 439 -38.89 21.73 -12.07
C ASN A 439 -39.48 22.96 -12.75
N ASP A 440 -39.44 22.96 -14.10
CA ASP A 440 -40.14 23.92 -14.95
C ASP A 440 -39.68 25.35 -14.67
N LEU A 441 -38.37 25.51 -14.45
CA LEU A 441 -37.86 26.73 -13.86
C LEU A 441 -37.84 27.86 -14.87
N ASN A 442 -38.71 28.84 -14.67
CA ASN A 442 -38.94 29.89 -15.66
C ASN A 442 -38.55 31.22 -15.03
N MET A 443 -37.44 31.79 -15.49
CA MET A 443 -36.98 33.08 -15.01
C MET A 443 -36.04 33.68 -16.06
N VAL A 444 -35.95 35.00 -16.05
CA VAL A 444 -35.11 35.75 -16.97
C VAL A 444 -34.06 36.48 -16.13
N ILE A 445 -32.98 36.89 -16.79
CA ILE A 445 -31.95 37.71 -16.16
C ILE A 445 -31.63 38.84 -17.12
N LYS A 446 -32.14 40.02 -16.83
CA LYS A 446 -31.91 41.19 -17.67
C LYS A 446 -30.46 41.63 -17.52
N PRO A 447 -29.76 41.90 -18.62
CA PRO A 447 -28.32 42.17 -18.51
C PRO A 447 -28.00 43.56 -18.00
N GLY A 448 -26.93 43.61 -17.19
CA GLY A 448 -26.39 44.88 -16.76
C GLY A 448 -26.34 45.09 -15.25
N GLU A 449 -27.04 44.25 -14.49
CA GLU A 449 -27.24 44.51 -13.08
C GLU A 449 -26.99 43.24 -12.28
N MET A 450 -27.20 43.35 -10.97
CA MET A 450 -27.09 42.22 -10.07
C MET A 450 -28.37 41.38 -10.12
N THR A 451 -28.32 40.21 -9.51
CA THR A 451 -29.45 39.30 -9.37
C THR A 451 -29.15 38.37 -8.21
N ALA A 452 -30.08 38.27 -7.28
CA ALA A 452 -29.91 37.44 -6.10
C ALA A 452 -30.54 36.07 -6.32
N LEU A 453 -30.44 35.23 -5.31
CA LEU A 453 -31.03 33.89 -5.35
C LEU A 453 -31.21 33.42 -3.92
N VAL A 454 -32.47 33.32 -3.49
CA VAL A 454 -32.76 32.98 -2.11
C VAL A 454 -33.50 31.65 -2.05
N GLY A 455 -32.77 30.58 -1.75
CA GLY A 455 -33.38 29.31 -1.44
C GLY A 455 -33.62 29.18 0.05
N PRO A 456 -34.42 28.19 0.43
CA PRO A 456 -34.68 27.98 1.86
C PRO A 456 -33.44 27.54 2.62
N SER A 457 -32.93 26.35 2.30
CA SER A 457 -31.61 25.96 2.78
C SER A 457 -30.73 25.50 1.62
N GLY A 458 -31.24 24.55 0.83
CA GLY A 458 -30.42 23.90 -0.16
C GLY A 458 -31.11 23.48 -1.44
N ALA A 459 -32.22 24.11 -1.79
CA ALA A 459 -32.96 23.77 -2.99
C ALA A 459 -32.52 24.72 -4.10
N GLY A 460 -31.73 24.21 -5.04
CA GLY A 460 -31.31 24.96 -6.21
C GLY A 460 -30.42 26.14 -5.92
N LYS A 461 -29.46 25.98 -5.01
CA LYS A 461 -28.58 27.07 -4.60
C LYS A 461 -27.67 27.51 -5.74
N SER A 462 -26.95 26.56 -6.34
CA SER A 462 -26.01 26.83 -7.40
C SER A 462 -26.08 25.80 -8.50
N THR A 463 -26.86 24.73 -8.30
CA THR A 463 -27.12 23.77 -9.36
C THR A 463 -27.86 24.43 -10.52
N ALA A 464 -28.71 25.41 -10.23
CA ALA A 464 -29.24 26.26 -11.28
C ALA A 464 -28.15 27.06 -11.95
N LEU A 465 -27.09 27.42 -11.24
CA LEU A 465 -26.06 28.27 -11.78
C LEU A 465 -24.95 27.51 -12.47
N GLN A 466 -24.76 26.22 -12.19
CA GLN A 466 -23.70 25.49 -12.88
C GLN A 466 -24.03 25.24 -14.34
N LEU A 467 -25.31 25.34 -14.70
CA LEU A 467 -25.71 25.13 -16.09
C LEU A 467 -25.25 26.26 -16.98
N ILE A 468 -25.15 27.48 -16.45
CA ILE A 468 -24.82 28.61 -17.29
C ILE A 468 -23.35 28.60 -17.68
N GLN A 469 -22.53 27.81 -16.99
CA GLN A 469 -21.20 27.49 -17.46
C GLN A 469 -21.08 26.08 -17.99
N ARG A 470 -22.20 25.35 -18.05
CA ARG A 470 -22.35 24.06 -18.70
C ARG A 470 -21.41 23.02 -18.12
N PHE A 471 -21.63 22.66 -16.86
CA PHE A 471 -21.05 21.44 -16.32
C PHE A 471 -21.99 20.28 -16.52
N TYR A 472 -23.24 20.58 -16.85
CA TYR A 472 -24.29 19.59 -17.02
C TYR A 472 -25.29 20.08 -18.04
N ASP A 473 -25.66 19.23 -18.94
CA ASP A 473 -26.72 19.68 -19.82
C ASP A 473 -28.08 19.50 -19.16
N PRO A 474 -29.00 20.44 -19.38
CA PRO A 474 -30.39 20.20 -18.98
C PRO A 474 -31.02 19.17 -19.90
N CYS A 475 -31.71 18.20 -19.30
CA CYS A 475 -32.31 17.15 -20.10
C CYS A 475 -33.52 17.65 -20.87
N GLU A 476 -34.27 18.59 -20.29
CA GLU A 476 -35.39 19.21 -20.99
C GLU A 476 -35.32 20.70 -20.76
N GLY A 477 -35.80 21.47 -21.73
CA GLY A 477 -35.80 22.91 -21.56
C GLY A 477 -34.45 23.60 -21.70
N MET A 478 -33.98 23.71 -22.94
CA MET A 478 -32.77 24.48 -23.28
C MET A 478 -32.80 25.90 -22.71
N VAL A 479 -31.61 26.40 -22.36
CA VAL A 479 -31.47 27.76 -21.86
C VAL A 479 -30.67 28.57 -22.88
N THR A 480 -30.97 29.87 -22.98
CA THR A 480 -30.47 30.60 -24.12
C THR A 480 -29.82 31.90 -23.67
N VAL A 481 -28.84 32.34 -24.46
CA VAL A 481 -28.03 33.49 -24.12
C VAL A 481 -28.05 34.47 -25.29
N ASP A 482 -28.93 35.48 -25.19
CA ASP A 482 -29.10 36.54 -26.19
C ASP A 482 -29.40 35.98 -27.57
N GLY A 483 -30.53 35.29 -27.71
CA GLY A 483 -30.79 34.60 -28.96
C GLY A 483 -30.43 33.13 -28.88
N HIS A 484 -29.23 32.79 -29.33
CA HIS A 484 -28.79 31.40 -29.44
C HIS A 484 -28.59 30.80 -28.05
N ASP A 485 -28.72 29.47 -27.98
CA ASP A 485 -28.69 28.78 -26.70
C ASP A 485 -27.25 28.53 -26.25
N ILE A 486 -27.09 27.72 -25.20
CA ILE A 486 -25.76 27.43 -24.70
C ILE A 486 -25.26 26.08 -25.20
N ARG A 487 -26.14 25.15 -25.50
CA ARG A 487 -25.70 23.96 -26.22
C ARG A 487 -25.47 24.31 -27.68
N SER A 488 -24.73 23.43 -28.36
CA SER A 488 -24.30 23.61 -29.75
C SER A 488 -23.51 24.89 -29.96
N LEU A 489 -22.78 25.32 -28.93
CA LEU A 489 -21.85 26.44 -29.02
C LEU A 489 -20.46 26.00 -28.53
N ASN A 490 -19.48 26.84 -28.82
CA ASN A 490 -18.10 26.57 -28.45
C ASN A 490 -17.98 26.60 -26.94
N ILE A 491 -17.51 25.49 -26.36
CA ILE A 491 -17.31 25.46 -24.92
C ILE A 491 -16.17 26.38 -24.52
N GLN A 492 -15.16 26.48 -25.38
CA GLN A 492 -14.02 27.34 -25.11
C GLN A 492 -14.27 28.79 -25.49
N TRP A 493 -15.48 29.13 -25.90
CA TRP A 493 -15.87 30.52 -26.01
C TRP A 493 -16.78 30.93 -24.88
N LEU A 494 -17.70 30.06 -24.51
CA LEU A 494 -18.64 30.39 -23.44
C LEU A 494 -17.92 30.44 -22.10
N ARG A 495 -16.95 29.55 -21.91
CA ARG A 495 -16.20 29.58 -20.66
C ARG A 495 -15.15 30.67 -20.62
N ASP A 496 -15.03 31.48 -21.66
CA ASP A 496 -14.22 32.69 -21.55
C ASP A 496 -15.03 33.84 -20.97
N GLN A 497 -16.30 33.95 -21.34
CA GLN A 497 -17.07 35.12 -20.92
C GLN A 497 -17.44 35.06 -19.45
N ILE A 498 -17.73 33.88 -18.93
CA ILE A 498 -18.17 33.79 -17.54
C ILE A 498 -16.96 33.92 -16.61
N GLY A 499 -17.24 34.19 -15.34
CA GLY A 499 -16.19 34.23 -14.33
C GLY A 499 -16.73 33.75 -13.00
N ILE A 500 -16.11 32.73 -12.43
CA ILE A 500 -16.68 32.03 -11.29
C ILE A 500 -15.86 32.36 -10.04
N VAL A 501 -16.55 32.45 -8.90
CA VAL A 501 -15.94 32.58 -7.58
C VAL A 501 -16.56 31.51 -6.69
N GLU A 502 -15.76 30.53 -6.30
CA GLU A 502 -16.28 29.28 -5.74
C GLU A 502 -16.70 29.45 -4.29
N GLN A 503 -17.24 28.35 -3.73
CA GLN A 503 -17.51 28.30 -2.30
C GLN A 503 -16.21 28.39 -1.52
N GLU A 504 -15.37 27.39 -1.65
CA GLU A 504 -14.09 27.44 -0.99
C GLU A 504 -13.01 27.81 -1.99
N PRO A 505 -12.03 28.60 -1.56
CA PRO A 505 -10.94 28.95 -2.48
C PRO A 505 -10.04 27.75 -2.70
N VAL A 506 -9.48 27.70 -3.90
CA VAL A 506 -8.38 26.79 -4.16
C VAL A 506 -7.40 27.51 -5.07
N LEU A 507 -6.12 27.33 -4.77
CA LEU A 507 -5.04 28.00 -5.46
C LEU A 507 -4.04 26.94 -5.90
N PHE A 508 -3.33 27.23 -6.97
CA PHE A 508 -2.43 26.24 -7.54
C PHE A 508 -1.02 26.55 -7.12
N SER A 509 -0.14 25.57 -7.33
CA SER A 509 1.08 25.46 -6.53
C SER A 509 2.12 26.52 -6.89
N THR A 510 2.03 27.12 -8.06
CA THR A 510 3.06 28.09 -8.45
C THR A 510 2.82 29.45 -7.83
N THR A 511 3.49 30.47 -8.38
CA THR A 511 3.56 31.77 -7.74
C THR A 511 2.23 32.51 -7.82
N ILE A 512 1.91 33.21 -6.72
CA ILE A 512 0.71 34.01 -6.59
C ILE A 512 0.65 35.14 -7.61
N ALA A 513 1.77 35.60 -8.14
CA ALA A 513 1.67 36.53 -9.23
C ALA A 513 1.40 35.86 -10.57
N GLU A 514 1.72 34.57 -10.72
CA GLU A 514 1.30 33.84 -11.90
C GLU A 514 0.18 32.86 -11.63
N ASN A 515 -0.31 32.78 -10.39
CA ASN A 515 -1.55 32.05 -10.16
C ASN A 515 -2.73 32.85 -10.68
N ILE A 516 -2.67 34.17 -10.54
CA ILE A 516 -3.66 35.05 -11.13
C ILE A 516 -3.52 35.08 -12.65
N ARG A 517 -2.37 34.68 -13.16
CA ARG A 517 -2.19 34.63 -14.61
C ARG A 517 -2.99 33.50 -15.27
N TYR A 518 -3.44 32.50 -14.49
CA TYR A 518 -4.15 31.34 -15.04
C TYR A 518 -5.46 31.66 -15.74
N GLY A 519 -6.09 32.78 -15.46
CA GLY A 519 -7.14 33.32 -16.31
C GLY A 519 -6.50 34.39 -17.17
N ARG A 520 -6.88 34.41 -18.46
CA ARG A 520 -6.36 35.35 -19.46
C ARG A 520 -4.83 35.21 -19.58
N GLU A 521 -4.45 34.12 -20.28
CA GLU A 521 -3.05 33.73 -20.46
C GLU A 521 -2.16 34.86 -21.00
N ASP A 522 -2.73 35.79 -21.75
CA ASP A 522 -2.01 36.89 -22.37
C ASP A 522 -1.47 37.92 -21.38
N ALA A 523 -2.04 38.00 -20.18
CA ALA A 523 -1.80 39.13 -19.28
C ALA A 523 -0.40 39.11 -18.70
N THR A 524 0.15 40.31 -18.49
CA THR A 524 1.50 40.54 -17.98
C THR A 524 1.44 41.24 -16.63
N MET A 525 2.62 41.44 -16.03
CA MET A 525 2.73 42.05 -14.71
C MET A 525 2.23 43.48 -14.67
N GLU A 526 2.29 44.18 -15.80
CA GLU A 526 1.68 45.50 -15.88
C GLU A 526 0.16 45.41 -15.80
N ASP A 527 -0.40 44.30 -16.29
CA ASP A 527 -1.85 44.12 -16.30
C ASP A 527 -2.36 43.28 -15.14
N ILE A 528 -1.54 42.37 -14.61
CA ILE A 528 -1.90 41.59 -13.43
C ILE A 528 -2.13 42.49 -12.23
N VAL A 529 -1.28 43.52 -12.10
CA VAL A 529 -1.22 44.32 -10.88
C VAL A 529 -2.49 45.15 -10.67
N GLN A 530 -3.24 45.40 -11.73
CA GLN A 530 -4.44 46.21 -11.59
C GLN A 530 -5.56 45.47 -10.89
N ALA A 531 -5.67 44.15 -11.10
CA ALA A 531 -6.74 43.38 -10.47
C ALA A 531 -6.45 43.06 -9.02
N ALA A 532 -5.18 42.81 -8.68
CA ALA A 532 -4.81 42.57 -7.30
C ALA A 532 -4.95 43.84 -6.47
N LYS A 533 -4.84 45.00 -7.13
CA LYS A 533 -5.21 46.27 -6.49
C LYS A 533 -6.67 46.27 -6.08
N GLU A 534 -7.55 45.88 -7.01
CA GLU A 534 -8.98 45.97 -6.75
C GLU A 534 -9.46 44.87 -5.83
N ALA A 535 -8.88 43.69 -5.93
CA ALA A 535 -9.34 42.55 -5.14
C ALA A 535 -8.66 42.45 -3.79
N ASN A 536 -8.15 43.58 -3.27
CA ASN A 536 -7.57 43.69 -1.93
C ASN A 536 -6.36 42.79 -1.75
N ALA A 537 -5.43 42.83 -2.69
CA ALA A 537 -4.10 42.27 -2.48
C ALA A 537 -3.04 43.34 -2.42
N TYR A 538 -3.44 44.61 -2.35
CA TYR A 538 -2.50 45.72 -2.44
C TYR A 538 -1.67 45.86 -1.18
N ASN A 539 -2.32 45.79 -0.02
CA ASN A 539 -1.56 45.69 1.22
C ASN A 539 -0.93 44.31 1.36
N PHE A 540 -1.50 43.32 0.67
CA PHE A 540 -0.96 41.98 0.64
C PHE A 540 0.15 41.85 -0.40
N ILE A 541 0.55 42.96 -1.03
CA ILE A 541 1.82 43.05 -1.74
C ILE A 541 2.96 43.15 -0.74
N MET A 542 2.82 44.05 0.23
CA MET A 542 3.90 44.46 1.12
C MET A 542 3.98 43.65 2.39
N ASP A 543 2.85 43.26 2.98
CA ASP A 543 2.86 42.43 4.17
C ASP A 543 3.37 41.03 3.83
N LEU A 544 3.20 40.62 2.59
CA LEU A 544 3.76 39.43 1.99
C LEU A 544 5.29 39.49 2.08
N PRO A 545 5.97 38.34 2.24
CA PRO A 545 7.45 38.32 2.33
C PRO A 545 8.19 38.92 1.15
N GLN A 546 7.81 38.59 -0.08
CA GLN A 546 8.39 39.24 -1.25
C GLN A 546 7.28 39.70 -2.18
N GLN A 547 7.62 40.66 -3.05
CA GLN A 547 6.63 41.31 -3.91
C GLN A 547 6.39 40.48 -5.17
N PHE A 548 5.24 39.79 -5.20
CA PHE A 548 4.67 39.14 -6.38
C PHE A 548 5.57 38.07 -6.98
N ASP A 549 6.13 37.17 -6.18
CA ASP A 549 6.75 35.95 -6.67
C ASP A 549 6.53 34.80 -5.69
N THR A 550 5.61 34.98 -4.75
CA THR A 550 5.57 34.17 -3.56
C THR A 550 5.05 32.77 -3.82
N LEU A 551 5.88 31.75 -3.59
CA LEU A 551 5.55 30.39 -3.97
C LEU A 551 4.56 29.74 -3.00
N VAL A 552 4.35 30.36 -1.84
CA VAL A 552 3.82 29.62 -0.70
C VAL A 552 2.29 29.62 -0.69
N GLY A 553 1.68 29.96 -1.83
CA GLY A 553 0.25 29.76 -2.06
C GLY A 553 -0.14 28.31 -1.88
N GLU A 554 0.78 27.39 -2.21
CA GLU A 554 0.72 26.03 -1.71
C GLU A 554 2.05 25.55 -1.16
N GLY A 555 3.16 26.13 -1.60
CA GLY A 555 4.48 25.60 -1.34
C GLY A 555 4.96 25.56 0.10
N GLY A 556 5.21 26.72 0.71
CA GLY A 556 5.85 26.73 2.02
C GLY A 556 4.90 26.85 3.19
N GLY A 557 4.07 27.88 3.18
CA GLY A 557 3.10 28.09 4.25
C GLY A 557 1.90 28.83 3.72
N GLN A 558 0.73 28.24 3.91
CA GLN A 558 -0.52 28.73 3.35
C GLN A 558 -0.97 29.98 4.08
N MET A 559 -1.89 30.70 3.44
CA MET A 559 -2.45 31.89 4.03
C MET A 559 -3.73 31.52 4.77
N SER A 560 -4.45 32.53 5.23
CA SER A 560 -5.67 32.28 5.98
C SER A 560 -6.83 32.07 5.03
N GLY A 561 -7.88 31.42 5.52
CA GLY A 561 -9.02 31.06 4.68
C GLY A 561 -9.77 32.25 4.14
N GLY A 562 -9.75 33.37 4.85
CA GLY A 562 -10.36 34.57 4.33
C GLY A 562 -9.44 35.44 3.51
N GLN A 563 -8.37 34.86 2.98
CA GLN A 563 -7.33 35.61 2.30
C GLN A 563 -7.06 35.10 0.90
N LYS A 564 -7.15 33.78 0.71
CA LYS A 564 -7.03 33.17 -0.60
C LYS A 564 -8.14 33.64 -1.51
N GLN A 565 -9.32 33.91 -0.95
CA GLN A 565 -10.43 34.48 -1.71
C GLN A 565 -10.11 35.83 -2.30
N ARG A 566 -9.25 36.61 -1.66
CA ARG A 566 -8.88 37.89 -2.25
C ARG A 566 -7.96 37.72 -3.46
N VAL A 567 -7.32 36.56 -3.59
CA VAL A 567 -6.66 36.22 -4.83
C VAL A 567 -7.67 35.81 -5.89
N ALA A 568 -8.64 34.99 -5.50
CA ALA A 568 -9.55 34.37 -6.47
C ALA A 568 -10.50 35.39 -7.09
N ILE A 569 -10.77 36.49 -6.40
CA ILE A 569 -11.49 37.59 -7.03
C ILE A 569 -10.65 38.18 -8.15
N ALA A 570 -9.35 38.28 -7.94
CA ALA A 570 -8.48 38.84 -8.98
C ALA A 570 -8.32 37.87 -10.13
N ARG A 571 -8.45 36.56 -9.87
CA ARG A 571 -8.35 35.60 -10.95
C ARG A 571 -9.51 35.73 -11.92
N ALA A 572 -10.73 35.80 -11.39
CA ALA A 572 -11.88 35.97 -12.24
C ALA A 572 -11.99 37.36 -12.84
N LEU A 573 -11.40 38.36 -12.21
CA LEU A 573 -11.57 39.71 -12.72
C LEU A 573 -10.53 40.05 -13.76
N ILE A 574 -9.47 39.25 -13.87
CA ILE A 574 -8.37 39.61 -14.78
C ILE A 574 -8.78 39.35 -16.23
N ARG A 575 -9.75 38.47 -16.47
CA ARG A 575 -10.08 38.03 -17.81
C ARG A 575 -10.97 39.00 -18.58
N ASN A 576 -11.35 40.11 -17.96
CA ASN A 576 -12.44 40.97 -18.40
C ASN A 576 -13.72 40.17 -18.70
N PRO A 577 -14.37 39.64 -17.68
CA PRO A 577 -15.54 38.78 -17.94
C PRO A 577 -16.77 39.61 -18.20
N LYS A 578 -17.74 38.99 -18.87
CA LYS A 578 -19.07 39.56 -19.00
C LYS A 578 -20.06 39.00 -18.01
N ILE A 579 -19.77 37.86 -17.41
CA ILE A 579 -20.64 37.25 -16.40
C ILE A 579 -19.81 37.09 -15.12
N LEU A 580 -20.37 37.51 -14.00
CA LEU A 580 -19.85 37.09 -12.71
C LEU A 580 -20.78 36.07 -12.08
N LEU A 581 -20.17 35.07 -11.48
CA LEU A 581 -20.91 33.99 -10.86
C LEU A 581 -20.30 33.71 -9.51
N LEU A 582 -20.95 34.15 -8.44
CA LEU A 582 -20.40 33.91 -7.12
C LEU A 582 -21.41 33.09 -6.35
N ASP A 583 -20.99 31.90 -5.93
CA ASP A 583 -21.85 30.97 -5.20
C ASP A 583 -21.25 30.75 -3.81
N MET A 584 -21.71 31.58 -2.88
CA MET A 584 -21.29 31.58 -1.48
C MET A 584 -19.78 31.76 -1.35
N ALA A 585 -19.30 32.93 -1.80
CA ALA A 585 -17.90 33.28 -1.57
C ALA A 585 -17.63 33.35 -0.08
N THR A 586 -18.52 33.99 0.66
CA THR A 586 -18.46 33.98 2.11
C THR A 586 -19.27 32.83 2.67
N SER A 587 -18.82 31.61 2.40
CA SER A 587 -19.51 30.44 2.92
C SER A 587 -18.98 30.04 4.29
N ALA A 588 -17.70 29.73 4.38
CA ALA A 588 -17.08 29.32 5.65
C ALA A 588 -15.71 30.00 5.76
N LEU A 589 -15.70 31.20 6.31
CA LEU A 589 -14.45 31.92 6.54
C LEU A 589 -14.68 32.90 7.69
N ASP A 590 -13.57 33.45 8.18
CA ASP A 590 -13.56 34.14 9.46
C ASP A 590 -14.21 35.51 9.36
N ASN A 591 -14.79 35.95 10.48
CA ASN A 591 -15.62 37.14 10.64
C ASN A 591 -14.89 38.45 10.37
N GLU A 592 -13.56 38.53 10.37
CA GLU A 592 -12.90 39.80 10.11
C GLU A 592 -12.89 40.10 8.61
N SER A 593 -12.25 39.24 7.82
CA SER A 593 -12.20 39.40 6.38
C SER A 593 -13.51 39.02 5.71
N GLU A 594 -14.46 38.46 6.46
CA GLU A 594 -15.86 38.36 6.04
C GLU A 594 -16.39 39.69 5.55
N ALA A 595 -16.41 40.68 6.43
CA ALA A 595 -16.92 41.99 6.08
C ALA A 595 -15.98 42.75 5.15
N MET A 596 -14.74 42.29 5.04
CA MET A 596 -13.80 42.97 4.15
C MET A 596 -14.03 42.58 2.70
N VAL A 597 -14.32 41.30 2.43
CA VAL A 597 -14.51 40.89 1.05
C VAL A 597 -15.94 41.20 0.59
N GLN A 598 -16.84 41.45 1.55
CA GLN A 598 -18.14 42.00 1.19
C GLN A 598 -18.01 43.41 0.64
N GLU A 599 -17.05 44.17 1.15
CA GLU A 599 -16.75 45.49 0.62
C GLU A 599 -16.20 45.41 -0.80
N VAL A 600 -15.51 44.32 -1.12
CA VAL A 600 -15.00 44.12 -2.47
C VAL A 600 -16.15 43.92 -3.45
N LEU A 601 -17.21 43.25 -2.99
CA LEU A 601 -18.31 42.89 -3.84
C LEU A 601 -19.44 43.90 -3.82
N SER A 602 -19.85 44.35 -2.63
CA SER A 602 -21.02 45.21 -2.55
C SER A 602 -20.70 46.64 -2.97
N LYS A 603 -19.66 47.23 -2.39
CA LYS A 603 -19.32 48.62 -2.62
C LYS A 603 -18.56 48.83 -3.93
N ILE A 604 -17.66 47.91 -4.26
CA ILE A 604 -16.76 48.14 -5.38
C ILE A 604 -17.32 47.54 -6.66
N GLN A 605 -17.80 46.30 -6.61
CA GLN A 605 -18.07 45.53 -7.82
C GLN A 605 -19.39 45.97 -8.45
N HIS A 606 -19.28 46.46 -9.68
CA HIS A 606 -20.41 46.97 -10.45
C HIS A 606 -19.97 47.13 -11.91
N GLY A 607 -20.95 47.08 -12.82
CA GLY A 607 -20.67 47.44 -14.20
C GLY A 607 -21.37 46.64 -15.28
N HIS A 608 -21.74 45.40 -14.97
CA HIS A 608 -22.21 44.46 -16.00
C HIS A 608 -23.07 43.39 -15.31
N THR A 609 -23.27 42.27 -16.00
CA THR A 609 -24.13 41.22 -15.47
C THR A 609 -23.46 40.49 -14.33
N ILE A 610 -24.09 40.50 -13.16
CA ILE A 610 -23.65 39.67 -12.05
C ILE A 610 -24.82 38.81 -11.61
N ILE A 611 -24.65 37.50 -11.71
CA ILE A 611 -25.58 36.55 -11.11
C ILE A 611 -24.96 36.07 -9.82
N SER A 612 -25.63 36.36 -8.71
CA SER A 612 -25.01 36.11 -7.43
C SER A 612 -26.00 35.37 -6.56
N VAL A 613 -25.51 34.86 -5.44
CA VAL A 613 -26.37 34.37 -4.38
C VAL A 613 -26.04 35.18 -3.15
N ALA A 614 -26.73 34.91 -2.05
CA ALA A 614 -26.46 35.65 -0.83
C ALA A 614 -26.29 34.67 0.32
N HIS A 615 -25.15 34.75 1.01
CA HIS A 615 -25.03 34.04 2.28
C HIS A 615 -25.95 34.67 3.32
N ARG A 616 -25.84 35.98 3.51
CA ARG A 616 -26.85 36.73 4.23
C ARG A 616 -27.30 37.87 3.33
N LEU A 617 -28.60 38.14 3.34
CA LEU A 617 -29.22 38.94 2.29
C LEU A 617 -29.37 40.41 2.65
N SER A 618 -28.82 40.84 3.79
CA SER A 618 -28.79 42.27 4.08
C SER A 618 -27.79 43.01 3.21
N THR A 619 -26.80 42.30 2.66
CA THR A 619 -25.87 42.91 1.71
C THR A 619 -26.56 43.20 0.39
N VAL A 620 -27.41 42.29 -0.07
CA VAL A 620 -28.01 42.34 -1.39
C VAL A 620 -29.34 43.10 -1.27
N ARG A 621 -29.58 43.69 -0.11
CA ARG A 621 -30.78 44.51 0.11
C ARG A 621 -30.80 45.75 -0.77
N ALA A 622 -29.64 46.25 -1.18
CA ALA A 622 -29.55 47.30 -2.19
C ALA A 622 -29.04 46.67 -3.48
N ALA A 623 -29.96 46.11 -4.27
CA ALA A 623 -29.62 45.45 -5.52
C ALA A 623 -30.84 45.55 -6.44
N ASP A 624 -30.74 44.88 -7.59
CA ASP A 624 -31.78 44.98 -8.62
C ASP A 624 -32.91 43.98 -8.39
N THR A 625 -32.61 42.69 -8.48
CA THR A 625 -33.63 41.67 -8.53
C THR A 625 -33.32 40.59 -7.52
N ILE A 626 -34.36 39.99 -6.95
CA ILE A 626 -34.22 38.83 -6.07
C ILE A 626 -35.24 37.81 -6.55
N ILE A 627 -34.77 36.72 -7.15
CA ILE A 627 -35.65 35.80 -7.84
C ILE A 627 -35.61 34.48 -7.08
N GLY A 628 -35.53 34.59 -5.76
CA GLY A 628 -35.50 33.44 -4.87
C GLY A 628 -36.70 32.50 -4.95
N PHE A 629 -36.52 31.27 -4.47
CA PHE A 629 -37.55 30.26 -4.68
C PHE A 629 -37.43 29.20 -3.59
N GLU A 630 -38.42 28.29 -3.56
CA GLU A 630 -38.47 27.28 -2.52
C GLU A 630 -38.14 25.89 -3.05
N HIS A 631 -38.57 25.58 -4.28
CA HIS A 631 -38.27 24.29 -4.89
C HIS A 631 -38.36 24.42 -6.39
N GLY A 632 -37.21 24.50 -7.06
CA GLY A 632 -37.09 24.28 -8.49
C GLY A 632 -37.85 25.22 -9.40
N THR A 633 -38.53 26.24 -8.87
CA THR A 633 -39.34 27.11 -9.69
C THR A 633 -39.34 28.50 -9.07
N ALA A 634 -38.75 29.46 -9.78
CA ALA A 634 -38.68 30.84 -9.32
C ALA A 634 -40.06 31.45 -9.27
N VAL A 635 -40.43 32.02 -8.13
CA VAL A 635 -41.79 32.45 -7.87
C VAL A 635 -41.89 33.97 -7.71
N GLU A 636 -40.90 34.60 -7.08
CA GLU A 636 -41.13 35.95 -6.57
C GLU A 636 -40.69 37.04 -7.55
N ARG A 637 -39.37 37.13 -7.82
CA ARG A 637 -38.75 38.12 -8.70
C ARG A 637 -39.16 39.55 -8.32
N GLY A 638 -38.69 39.97 -7.16
CA GLY A 638 -38.97 41.33 -6.73
C GLY A 638 -37.99 41.76 -5.67
N THR A 639 -38.02 43.07 -5.40
CA THR A 639 -37.14 43.68 -4.41
C THR A 639 -37.74 43.43 -3.01
N HIS A 640 -37.06 43.89 -1.97
CA HIS A 640 -37.51 43.62 -0.60
C HIS A 640 -38.79 44.38 -0.26
N GLU A 641 -38.98 45.55 -0.87
CA GLU A 641 -40.23 46.29 -0.69
C GLU A 641 -41.35 45.64 -1.49
N GLU A 642 -41.01 44.83 -2.50
CA GLU A 642 -42.03 44.11 -3.24
C GLU A 642 -42.57 42.93 -2.45
N LEU A 643 -41.79 42.41 -1.51
CA LEU A 643 -42.24 41.32 -0.66
C LEU A 643 -42.49 41.79 0.78
N LEU A 644 -42.50 43.10 1.01
CA LEU A 644 -43.02 43.60 2.28
C LEU A 644 -44.52 43.34 2.37
N GLU A 645 -45.23 43.49 1.25
CA GLU A 645 -46.66 43.29 1.16
C GLU A 645 -47.06 41.81 1.12
N ARG A 646 -46.10 40.90 0.93
CA ARG A 646 -46.41 39.48 0.78
C ARG A 646 -45.46 38.70 1.68
N LYS A 647 -45.42 37.39 1.50
CA LYS A 647 -44.61 36.50 2.32
C LYS A 647 -43.44 35.90 1.55
N GLY A 648 -43.72 35.25 0.42
CA GLY A 648 -42.73 34.74 -0.50
C GLY A 648 -41.71 33.77 0.07
N VAL A 649 -40.43 34.07 -0.17
CA VAL A 649 -39.35 33.15 0.16
C VAL A 649 -38.32 33.79 1.08
N TYR A 650 -38.22 35.12 1.07
CA TYR A 650 -37.24 35.78 1.92
C TYR A 650 -37.85 36.66 3.00
N PHE A 651 -39.06 37.19 2.79
CA PHE A 651 -39.75 37.84 3.90
C PHE A 651 -40.14 36.82 4.96
N THR A 652 -40.45 35.59 4.52
CA THR A 652 -40.65 34.49 5.45
C THR A 652 -39.37 34.19 6.22
N LEU A 653 -38.21 34.34 5.58
CA LEU A 653 -36.91 34.06 6.17
C LEU A 653 -36.53 35.12 7.22
N VAL A 654 -36.75 36.40 6.92
CA VAL A 654 -36.22 37.46 7.78
C VAL A 654 -37.08 37.65 9.02
N THR A 655 -38.24 37.00 9.09
CA THR A 655 -39.02 36.97 10.32
C THR A 655 -38.29 36.26 11.45
N LEU A 656 -37.38 35.34 11.14
CA LEU A 656 -36.66 34.60 12.16
C LEU A 656 -35.14 34.70 12.03
N GLN A 657 -34.62 35.36 11.01
CA GLN A 657 -33.18 35.54 10.88
C GLN A 657 -32.73 36.99 11.03
N SER A 658 -33.56 37.95 10.63
CA SER A 658 -33.23 39.36 10.81
C SER A 658 -33.79 39.92 12.11
N GLN A 659 -33.97 39.08 13.13
CA GLN A 659 -34.46 39.51 14.43
C GLN A 659 -33.38 40.29 15.18
N VAL A 741 19.48 -8.12 19.28
CA VAL A 741 19.93 -9.31 18.56
C VAL A 741 19.92 -10.49 19.48
N ARG A 742 20.56 -10.33 20.64
CA ARG A 742 20.47 -11.36 21.68
C ARG A 742 19.06 -11.42 22.25
N ARG A 743 18.31 -10.32 22.16
CA ARG A 743 16.95 -10.34 22.68
C ARG A 743 16.05 -11.21 21.85
N ILE A 744 16.17 -11.14 20.51
CA ILE A 744 15.27 -11.88 19.61
C ILE A 744 15.43 -13.37 19.81
N LEU A 745 16.63 -13.82 20.17
CA LEU A 745 16.81 -15.20 20.57
C LEU A 745 16.26 -15.43 21.97
N LYS A 746 16.53 -14.52 22.90
CA LYS A 746 16.07 -14.69 24.28
C LYS A 746 14.56 -14.46 24.41
N PHE A 747 13.97 -13.61 23.57
CA PHE A 747 12.53 -13.51 23.49
C PHE A 747 11.91 -14.74 22.85
N SER A 748 12.68 -15.48 22.04
CA SER A 748 12.25 -16.75 21.50
C SER A 748 12.88 -17.93 22.23
N ALA A 749 13.24 -17.74 23.49
CA ALA A 749 13.77 -18.85 24.28
C ALA A 749 12.82 -20.03 24.49
N PRO A 750 11.49 -19.89 24.56
CA PRO A 750 10.65 -21.10 24.54
C PRO A 750 10.54 -21.77 23.20
N GLU A 751 11.27 -21.30 22.19
CA GLU A 751 11.27 -21.90 20.87
C GLU A 751 12.57 -22.65 20.59
N TRP A 752 13.09 -23.37 21.57
CA TRP A 752 14.29 -24.16 21.33
C TRP A 752 14.11 -25.51 20.64
N PRO A 753 13.02 -26.29 20.78
CA PRO A 753 12.99 -27.53 19.97
C PRO A 753 12.69 -27.29 18.51
N TYR A 754 12.14 -26.14 18.15
CA TYR A 754 11.84 -25.89 16.75
C TYR A 754 12.88 -25.02 16.08
N MET A 755 14.06 -24.91 16.64
CA MET A 755 15.18 -24.31 15.93
C MET A 755 16.43 -25.16 16.06
N LEU A 756 16.31 -26.37 16.60
CA LEU A 756 17.39 -27.34 16.63
C LEU A 756 17.03 -28.59 15.86
N VAL A 757 15.76 -29.00 15.86
CA VAL A 757 15.38 -30.05 14.91
C VAL A 757 15.02 -29.41 13.60
N GLY A 758 14.91 -28.10 13.57
CA GLY A 758 14.81 -27.43 12.30
C GLY A 758 16.16 -27.18 11.68
N SER A 759 17.23 -27.27 12.47
CA SER A 759 18.56 -26.96 11.95
C SER A 759 19.37 -28.21 11.69
N VAL A 760 19.09 -29.30 12.40
CA VAL A 760 19.64 -30.60 12.02
C VAL A 760 19.06 -31.02 10.69
N GLY A 761 17.82 -30.67 10.45
CA GLY A 761 17.26 -30.87 9.13
C GLY A 761 17.62 -29.78 8.14
N ALA A 762 18.60 -28.94 8.45
CA ALA A 762 19.10 -27.97 7.49
C ALA A 762 20.57 -28.14 7.19
N ALA A 763 21.26 -29.01 7.91
CA ALA A 763 22.58 -29.41 7.43
C ALA A 763 22.44 -30.57 6.47
N VAL A 764 21.52 -31.48 6.73
CA VAL A 764 21.48 -32.77 6.05
C VAL A 764 20.65 -32.66 4.77
N ASN A 765 20.28 -31.43 4.38
CA ASN A 765 19.99 -31.15 2.98
C ASN A 765 20.69 -29.89 2.54
N GLY A 766 21.79 -29.57 3.18
CA GLY A 766 22.65 -28.56 2.65
C GLY A 766 23.85 -29.29 2.13
N THR A 767 24.02 -30.54 2.61
CA THR A 767 25.16 -31.39 2.18
C THR A 767 24.67 -32.40 1.14
N VAL A 768 23.58 -32.08 0.44
CA VAL A 768 23.00 -32.98 -0.60
C VAL A 768 23.53 -32.52 -1.97
N THR A 769 23.66 -31.21 -2.17
CA THR A 769 24.15 -30.64 -3.45
C THR A 769 25.63 -31.01 -3.62
N PRO A 770 26.47 -30.90 -2.58
CA PRO A 770 27.89 -31.24 -2.68
C PRO A 770 28.09 -32.76 -2.81
N LEU A 771 27.22 -33.54 -2.16
CA LEU A 771 27.30 -35.03 -2.23
C LEU A 771 26.85 -35.49 -3.61
N TYR A 772 25.90 -34.76 -4.22
CA TYR A 772 25.38 -35.10 -5.57
C TYR A 772 26.53 -35.01 -6.58
N ALA A 773 27.38 -33.98 -6.44
CA ALA A 773 28.54 -33.78 -7.34
C ALA A 773 29.45 -35.00 -7.26
N PHE A 774 29.41 -35.72 -6.13
CA PHE A 774 30.24 -36.90 -5.96
C PHE A 774 29.57 -38.18 -6.41
N LEU A 775 28.25 -38.24 -6.42
CA LEU A 775 27.61 -39.43 -6.97
C LEU A 775 27.57 -39.36 -8.49
N PHE A 776 27.23 -38.20 -9.04
CA PHE A 776 27.15 -38.05 -10.49
C PHE A 776 28.51 -38.15 -11.16
N SER A 777 29.56 -37.63 -10.56
CA SER A 777 30.87 -37.77 -11.17
C SER A 777 31.51 -39.10 -10.85
N GLN A 778 30.88 -39.89 -10.00
CA GLN A 778 31.30 -41.26 -9.81
C GLN A 778 30.80 -42.17 -10.91
N ILE A 779 29.57 -41.94 -11.36
CA ILE A 779 28.95 -42.82 -12.34
C ILE A 779 29.61 -42.63 -13.69
N LEU A 780 30.28 -41.51 -13.89
CA LEU A 780 30.78 -41.09 -15.18
C LEU A 780 32.15 -41.64 -15.43
N GLY A 781 32.80 -42.14 -14.39
CA GLY A 781 34.08 -42.77 -14.54
C GLY A 781 33.90 -44.25 -14.70
N THR A 782 32.74 -44.74 -14.29
CA THR A 782 32.47 -46.16 -14.32
C THR A 782 31.99 -46.65 -15.67
N PHE A 783 32.02 -45.82 -16.70
CA PHE A 783 31.91 -46.34 -18.06
C PHE A 783 33.26 -46.66 -18.64
N SER A 784 34.33 -46.57 -17.86
CA SER A 784 35.68 -46.68 -18.40
C SER A 784 36.37 -47.98 -18.03
N ILE A 785 35.87 -48.70 -17.04
CA ILE A 785 36.50 -49.91 -16.52
C ILE A 785 36.37 -50.97 -17.61
N PRO A 786 37.38 -51.78 -17.88
CA PRO A 786 37.29 -52.70 -19.02
C PRO A 786 36.40 -53.92 -18.85
N ASP A 787 36.36 -54.54 -17.67
CA ASP A 787 35.68 -55.83 -17.53
C ASP A 787 34.17 -55.64 -17.49
N LYS A 788 33.46 -56.38 -18.34
CA LYS A 788 32.07 -56.09 -18.68
C LYS A 788 31.12 -56.33 -17.51
N GLU A 789 31.38 -57.37 -16.71
CA GLU A 789 30.47 -57.68 -15.62
C GLU A 789 30.59 -56.67 -14.48
N GLU A 790 31.70 -55.93 -14.44
CA GLU A 790 31.94 -55.04 -13.32
C GLU A 790 31.07 -53.81 -13.39
N GLN A 791 30.91 -53.22 -14.60
CA GLN A 791 30.11 -52.00 -14.77
C GLN A 791 28.67 -52.23 -14.35
N ARG A 792 28.04 -53.26 -14.91
CA ARG A 792 26.63 -53.56 -14.65
C ARG A 792 26.41 -53.92 -13.19
N SER A 793 27.46 -54.36 -12.50
CA SER A 793 27.44 -54.44 -11.05
C SER A 793 27.69 -53.08 -10.41
N GLN A 794 28.62 -52.30 -10.96
CA GLN A 794 29.01 -51.04 -10.32
C GLN A 794 28.02 -49.92 -10.61
N ILE A 795 27.56 -49.81 -11.86
CA ILE A 795 26.60 -48.78 -12.23
C ILE A 795 25.23 -49.06 -11.63
N ASN A 796 24.95 -50.32 -11.26
CA ASN A 796 23.73 -50.61 -10.54
C ASN A 796 23.89 -50.34 -9.05
N GLY A 797 25.11 -50.13 -8.59
CA GLY A 797 25.33 -49.80 -7.20
C GLY A 797 25.10 -48.34 -6.95
N VAL A 798 25.72 -47.48 -7.77
CA VAL A 798 25.63 -46.05 -7.54
C VAL A 798 24.24 -45.52 -7.85
N CYS A 799 23.57 -46.06 -8.87
CA CYS A 799 22.21 -45.61 -9.17
C CYS A 799 21.21 -46.07 -8.12
N LEU A 800 21.60 -46.96 -7.22
CA LEU A 800 20.74 -47.27 -6.08
C LEU A 800 20.86 -46.19 -5.03
N LEU A 801 21.98 -45.48 -4.99
CA LEU A 801 22.14 -44.44 -3.98
C LEU A 801 21.30 -43.22 -4.28
N PHE A 802 20.95 -43.00 -5.55
CA PHE A 802 20.10 -41.85 -5.87
C PHE A 802 18.70 -42.03 -5.34
N VAL A 803 18.24 -43.27 -5.19
CA VAL A 803 16.93 -43.50 -4.59
C VAL A 803 16.97 -43.17 -3.11
N ALA A 804 18.07 -43.53 -2.45
CA ALA A 804 18.20 -43.26 -1.02
C ALA A 804 18.38 -41.77 -0.76
N MET A 805 18.82 -41.02 -1.75
CA MET A 805 18.79 -39.57 -1.71
C MET A 805 17.48 -39.02 -2.28
N GLY A 806 16.42 -39.81 -2.25
CA GLY A 806 15.12 -39.34 -2.63
C GLY A 806 14.16 -39.59 -1.50
N CYS A 807 14.55 -40.47 -0.59
CA CYS A 807 13.81 -40.59 0.65
C CYS A 807 14.40 -39.71 1.74
N VAL A 808 15.65 -39.28 1.59
CA VAL A 808 16.22 -38.35 2.53
C VAL A 808 15.89 -36.92 2.14
N SER A 809 16.27 -36.51 0.94
CA SER A 809 16.10 -35.10 0.60
C SER A 809 14.71 -34.72 0.27
N LEU A 810 13.68 -35.52 0.57
CA LEU A 810 12.33 -35.04 0.77
C LEU A 810 11.93 -35.05 2.23
N PHE A 811 12.42 -36.02 3.00
CA PHE A 811 12.14 -36.01 4.43
C PHE A 811 12.81 -34.85 5.14
N THR A 812 14.01 -34.47 4.71
CA THR A 812 14.63 -33.31 5.33
C THR A 812 14.56 -32.06 4.48
N GLN A 813 13.68 -32.01 3.49
CA GLN A 813 13.35 -30.72 2.92
C GLN A 813 11.97 -30.31 3.36
N PHE A 814 11.19 -31.27 3.82
CA PHE A 814 10.00 -30.99 4.60
C PHE A 814 10.34 -30.32 5.91
N LEU A 815 11.24 -30.91 6.69
CA LEU A 815 11.53 -30.51 8.05
C LEU A 815 12.35 -29.24 8.14
N GLN A 816 12.82 -28.73 7.03
CA GLN A 816 13.55 -27.48 7.00
C GLN A 816 12.62 -26.36 6.57
N GLY A 817 11.39 -26.70 6.22
CA GLY A 817 10.40 -25.73 5.84
C GLY A 817 9.20 -25.78 6.75
N TYR A 818 9.16 -26.77 7.64
CA TYR A 818 8.12 -26.83 8.65
C TYR A 818 8.59 -26.19 9.95
N ALA A 819 9.66 -26.72 10.54
CA ALA A 819 10.09 -26.20 11.82
C ALA A 819 10.75 -24.83 11.74
N PHE A 820 11.07 -24.33 10.56
CA PHE A 820 11.41 -22.92 10.46
C PHE A 820 10.22 -22.10 10.04
N ALA A 821 9.04 -22.67 10.08
CA ALA A 821 7.82 -21.89 9.96
C ALA A 821 6.78 -22.31 10.97
N LYS A 822 7.18 -23.06 11.99
CA LYS A 822 6.47 -22.97 13.24
C LYS A 822 7.18 -21.99 14.16
N SER A 823 8.51 -22.00 14.12
CA SER A 823 9.31 -21.07 14.88
C SER A 823 9.33 -19.64 14.36
N GLY A 824 8.85 -19.42 13.16
CA GLY A 824 8.64 -18.07 12.69
C GLY A 824 7.17 -17.70 12.75
N GLU A 825 6.40 -18.50 13.50
CA GLU A 825 4.97 -18.27 13.62
C GLU A 825 4.49 -18.65 15.02
N LEU A 826 5.38 -19.08 15.89
CA LEU A 826 5.07 -19.14 17.30
C LEU A 826 5.83 -18.04 18.03
N LEU A 827 6.68 -17.34 17.31
CA LEU A 827 7.24 -16.06 17.71
C LEU A 827 6.26 -14.93 17.42
N THR A 828 5.93 -14.73 16.15
CA THR A 828 5.12 -13.60 15.72
C THR A 828 3.65 -13.72 16.10
N LYS A 829 3.25 -14.79 16.75
CA LYS A 829 1.97 -14.84 17.45
C LYS A 829 2.14 -14.36 18.88
N ARG A 830 3.21 -14.77 19.56
CA ARG A 830 3.39 -14.32 20.93
C ARG A 830 4.05 -12.96 20.96
N LEU A 831 4.54 -12.47 19.84
CA LEU A 831 5.06 -11.11 19.80
C LEU A 831 3.94 -10.10 19.63
N ARG A 832 2.85 -10.50 18.98
CA ARG A 832 1.70 -9.60 18.88
C ARG A 832 0.95 -9.50 20.19
N LYS A 833 0.80 -10.62 20.89
CA LYS A 833 0.04 -10.59 22.13
C LYS A 833 0.78 -9.84 23.22
N PHE A 834 2.11 -9.93 23.24
CA PHE A 834 2.86 -9.04 24.13
C PHE A 834 2.84 -7.61 23.62
N GLY A 835 2.69 -7.43 22.31
CA GLY A 835 2.66 -6.09 21.77
C GLY A 835 1.38 -5.36 22.12
N PHE A 836 0.26 -6.04 22.02
CA PHE A 836 -1.02 -5.42 22.30
C PHE A 836 -1.39 -5.53 23.78
N ARG A 837 -0.56 -6.11 24.63
CA ARG A 837 -0.82 -5.84 26.04
C ARG A 837 -0.12 -4.56 26.48
N ALA A 838 1.00 -4.23 25.87
CA ALA A 838 1.63 -2.97 26.18
C ALA A 838 1.04 -1.81 25.42
N MET A 839 0.64 -1.98 24.16
CA MET A 839 0.05 -0.88 23.39
C MET A 839 -1.28 -0.46 23.96
N LEU A 840 -1.97 -1.36 24.61
CA LEU A 840 -3.19 -1.02 25.32
C LEU A 840 -2.93 -0.37 26.65
N GLY A 841 -1.88 -0.77 27.35
CA GLY A 841 -1.75 -0.32 28.71
C GLY A 841 -0.94 0.94 28.90
N GLN A 842 -1.05 1.88 27.96
CA GLN A 842 -0.30 3.11 28.10
C GLN A 842 -1.28 4.26 28.04
N ASP A 843 -0.74 5.46 27.92
CA ASP A 843 -1.53 6.66 28.13
C ASP A 843 -2.12 7.21 26.85
N ILE A 844 -3.18 7.99 27.05
CA ILE A 844 -3.84 8.74 25.98
C ILE A 844 -2.90 9.74 25.33
N ALA A 845 -1.82 10.13 26.03
CA ALA A 845 -1.00 11.26 25.62
C ALA A 845 -0.21 10.97 24.34
N TRP A 846 -0.14 9.73 23.90
CA TRP A 846 0.56 9.44 22.66
C TRP A 846 -0.34 8.75 21.62
N PHE A 847 -1.59 8.44 21.98
CA PHE A 847 -2.54 7.99 20.97
C PHE A 847 -2.92 9.13 20.03
N ASP A 848 -2.91 10.35 20.55
CA ASP A 848 -3.16 11.55 19.78
C ASP A 848 -1.88 12.14 19.21
N ASP A 849 -0.75 11.45 19.38
CA ASP A 849 0.51 12.00 18.92
C ASP A 849 0.62 11.85 17.40
N LEU A 850 1.44 12.72 16.79
CA LEU A 850 1.49 12.79 15.34
C LEU A 850 2.25 11.62 14.73
N ARG A 851 3.30 11.15 15.41
CA ARG A 851 4.14 10.12 14.83
C ARG A 851 3.49 8.75 14.88
N ASN A 852 2.57 8.51 15.81
CA ASN A 852 1.88 7.23 15.92
C ASN A 852 0.39 7.45 16.19
N SER A 853 -0.34 7.67 15.12
CA SER A 853 -1.78 7.83 15.13
C SER A 853 -2.38 6.45 14.92
N PRO A 854 -3.68 6.21 15.20
CA PRO A 854 -4.25 4.88 14.95
C PRO A 854 -4.28 4.43 13.50
N GLY A 855 -3.99 5.32 12.55
CA GLY A 855 -3.73 4.85 11.20
C GLY A 855 -2.43 4.06 11.11
N ALA A 856 -1.40 4.51 11.82
CA ALA A 856 -0.08 3.91 11.76
C ALA A 856 0.23 3.03 12.95
N LEU A 857 -0.65 3.02 13.96
CA LEU A 857 -0.43 2.19 15.13
C LEU A 857 -1.16 0.86 15.01
N THR A 858 -1.68 0.57 13.82
CA THR A 858 -2.20 -0.77 13.57
C THR A 858 -1.79 -1.30 12.21
N THR A 859 -1.21 -0.48 11.34
CA THR A 859 -0.55 -0.98 10.14
C THR A 859 0.95 -1.12 10.35
N ARG A 860 1.46 -0.65 11.48
CA ARG A 860 2.75 -1.12 11.93
C ARG A 860 2.65 -2.55 12.42
N LEU A 861 1.73 -2.82 13.34
CA LEU A 861 1.54 -4.12 13.99
C LEU A 861 1.19 -5.25 13.05
N ALA A 862 0.75 -4.98 11.82
CA ALA A 862 0.58 -6.04 10.84
C ALA A 862 1.85 -6.38 10.10
N THR A 863 2.56 -5.37 9.58
CA THR A 863 3.73 -5.61 8.74
C THR A 863 4.98 -5.83 9.59
N ASP A 864 5.16 -5.02 10.63
CA ASP A 864 6.37 -5.13 11.43
C ASP A 864 6.41 -6.40 12.27
N ALA A 865 5.25 -6.96 12.59
CA ALA A 865 5.26 -8.24 13.28
C ALA A 865 5.59 -9.40 12.36
N SER A 866 5.56 -9.20 11.06
CA SER A 866 5.93 -10.27 10.14
C SER A 866 7.35 -10.16 9.64
N GLN A 867 7.98 -9.00 9.80
CA GLN A 867 9.39 -8.87 9.47
C GLN A 867 10.29 -9.24 10.62
N VAL A 868 9.72 -9.80 11.70
CA VAL A 868 10.49 -10.13 12.88
C VAL A 868 10.59 -11.64 13.07
N GLN A 869 9.95 -12.42 12.19
CA GLN A 869 10.32 -13.83 12.11
C GLN A 869 11.64 -14.03 11.39
N GLY A 870 11.99 -13.11 10.50
CA GLY A 870 13.19 -13.26 9.69
C GLY A 870 14.47 -12.83 10.38
N ALA A 871 14.55 -12.93 11.70
CA ALA A 871 15.80 -12.69 12.37
C ALA A 871 16.28 -13.92 13.12
N ALA A 872 15.36 -14.81 13.46
CA ALA A 872 15.67 -15.99 14.27
C ALA A 872 15.37 -17.28 13.54
N GLY A 873 14.15 -17.42 13.05
CA GLY A 873 13.72 -18.68 12.48
C GLY A 873 14.35 -18.99 11.14
N SER A 874 14.04 -18.22 10.12
CA SER A 874 14.54 -18.56 8.80
C SER A 874 15.84 -17.88 8.47
N GLN A 875 16.63 -17.54 9.46
CA GLN A 875 17.96 -17.01 9.23
C GLN A 875 19.04 -17.95 9.73
N ILE A 876 18.74 -18.77 10.73
CA ILE A 876 19.62 -19.88 11.06
C ILE A 876 19.42 -21.04 10.09
N GLY A 877 18.39 -20.98 9.25
CA GLY A 877 18.35 -21.87 8.11
C GLY A 877 19.02 -21.28 6.89
N MET A 878 19.95 -20.36 7.11
CA MET A 878 20.78 -19.88 6.02
C MET A 878 22.24 -20.01 6.36
N ILE A 879 22.62 -19.59 7.57
CA ILE A 879 24.02 -19.65 7.96
C ILE A 879 24.38 -21.03 8.49
N VAL A 880 23.48 -22.01 8.41
CA VAL A 880 23.92 -23.39 8.54
C VAL A 880 23.48 -24.22 7.35
N ASN A 881 22.61 -23.70 6.51
CA ASN A 881 22.41 -24.34 5.21
C ASN A 881 23.62 -24.09 4.35
N SER A 882 23.92 -22.82 4.09
CA SER A 882 25.06 -22.50 3.24
C SER A 882 26.33 -22.33 4.05
N PHE A 883 26.49 -23.09 5.11
CA PHE A 883 27.79 -23.30 5.70
C PHE A 883 28.20 -24.76 5.62
N THR A 884 27.27 -25.69 5.71
CA THR A 884 27.62 -27.07 5.39
C THR A 884 27.58 -27.28 3.90
N ASN A 885 26.95 -26.38 3.16
CA ASN A 885 26.93 -26.50 1.72
C ASN A 885 28.30 -26.15 1.17
N VAL A 886 28.99 -25.21 1.79
CA VAL A 886 30.28 -24.81 1.28
C VAL A 886 31.40 -25.64 1.88
N THR A 887 31.42 -25.88 3.18
CA THR A 887 32.63 -26.48 3.73
C THR A 887 32.68 -27.99 3.57
N VAL A 888 31.63 -28.62 3.03
CA VAL A 888 31.79 -30.01 2.64
C VAL A 888 32.13 -30.06 1.17
N ALA A 889 31.97 -28.95 0.46
CA ALA A 889 32.42 -28.88 -0.92
C ALA A 889 33.91 -28.63 -0.98
N MET A 890 34.44 -27.85 -0.04
CA MET A 890 35.88 -27.62 -0.06
C MET A 890 36.66 -28.80 0.48
N ILE A 891 35.99 -29.76 1.11
CA ILE A 891 36.66 -31.01 1.39
C ILE A 891 36.86 -31.79 0.09
N ILE A 892 35.77 -31.92 -0.68
CA ILE A 892 35.80 -32.66 -1.95
C ILE A 892 36.69 -31.96 -2.95
N ALA A 893 36.59 -30.64 -3.02
CA ALA A 893 37.36 -29.91 -4.01
C ALA A 893 38.86 -29.88 -3.74
N PHE A 894 39.30 -30.07 -2.50
CA PHE A 894 40.73 -30.06 -2.30
C PHE A 894 41.33 -31.43 -2.07
N SER A 895 40.53 -32.41 -1.67
CA SER A 895 41.14 -33.70 -1.33
C SER A 895 41.46 -34.53 -2.55
N PHE A 896 40.97 -34.16 -3.72
CA PHE A 896 41.23 -34.93 -4.92
C PHE A 896 42.28 -34.29 -5.82
N SER A 897 42.14 -33.02 -6.14
CA SER A 897 43.27 -32.29 -6.71
C SER A 897 43.15 -30.83 -6.29
N TRP A 898 44.05 -30.38 -5.41
CA TRP A 898 44.05 -28.99 -5.00
C TRP A 898 44.50 -28.09 -6.14
N LYS A 899 45.28 -28.64 -7.05
CA LYS A 899 45.90 -27.85 -8.09
C LYS A 899 44.87 -27.37 -9.09
N LEU A 900 43.82 -28.16 -9.30
CA LEU A 900 42.74 -27.77 -10.20
C LEU A 900 41.63 -27.09 -9.42
N SER A 901 41.78 -26.99 -8.11
CA SER A 901 40.73 -26.25 -7.45
C SER A 901 41.12 -24.83 -7.08
N LEU A 902 42.34 -24.41 -7.44
CA LEU A 902 42.68 -22.99 -7.34
C LEU A 902 42.14 -22.23 -8.54
N VAL A 903 42.10 -22.87 -9.71
CA VAL A 903 41.70 -22.20 -10.94
C VAL A 903 40.23 -21.86 -10.92
N ILE A 904 39.40 -22.84 -10.60
CA ILE A 904 37.96 -22.64 -10.64
C ILE A 904 37.46 -21.82 -9.45
N LEU A 905 38.15 -21.89 -8.30
CA LEU A 905 37.69 -21.12 -7.15
C LEU A 905 38.03 -19.65 -7.29
N CYS A 906 38.88 -19.29 -8.24
CA CYS A 906 38.99 -17.90 -8.63
C CYS A 906 37.73 -17.37 -9.31
N PHE A 907 36.77 -18.21 -9.65
CA PHE A 907 35.48 -17.76 -10.14
C PHE A 907 34.39 -17.93 -9.09
N PHE A 908 34.72 -18.47 -7.94
CA PHE A 908 33.76 -18.63 -6.86
C PHE A 908 33.26 -17.31 -6.27
N PRO A 909 33.99 -16.19 -6.26
CA PRO A 909 33.31 -14.93 -5.96
C PRO A 909 32.39 -14.47 -7.07
N PHE A 910 32.80 -14.52 -8.33
CA PHE A 910 32.02 -13.91 -9.41
C PHE A 910 30.77 -14.69 -9.74
N LEU A 911 30.59 -15.85 -9.15
CA LEU A 911 29.53 -16.76 -9.49
C LEU A 911 28.51 -16.91 -8.39
N ALA A 912 28.91 -16.79 -7.14
CA ALA A 912 27.96 -16.82 -6.05
C ALA A 912 27.34 -15.45 -5.83
N LEU A 913 28.18 -14.44 -5.84
CA LEU A 913 27.78 -13.07 -5.54
C LEU A 913 26.97 -12.45 -6.67
N SER A 914 27.05 -13.03 -7.87
CA SER A 914 26.24 -12.57 -8.98
C SER A 914 24.86 -13.18 -9.01
N GLY A 915 24.56 -14.12 -8.13
CA GLY A 915 23.20 -14.64 -8.04
C GLY A 915 22.28 -13.70 -7.28
N ALA A 916 22.85 -12.91 -6.38
CA ALA A 916 22.05 -12.01 -5.57
C ALA A 916 22.52 -10.55 -5.65
N THR A 917 23.11 -10.14 -6.76
CA THR A 917 23.40 -8.72 -6.89
C THR A 917 22.47 -8.04 -7.88
N GLN A 918 21.68 -8.79 -8.65
CA GLN A 918 20.71 -8.10 -9.49
C GLN A 918 19.42 -7.86 -8.75
N THR A 919 19.07 -8.73 -7.79
CA THR A 919 17.86 -8.51 -7.00
C THR A 919 18.03 -7.32 -6.08
N ARG A 920 19.18 -7.23 -5.40
CA ARG A 920 19.49 -6.03 -4.61
C ARG A 920 19.70 -4.82 -5.50
N MET A 921 20.04 -5.02 -6.77
CA MET A 921 20.00 -3.90 -7.70
C MET A 921 18.56 -3.53 -8.01
N LEU A 922 17.77 -4.50 -8.51
CA LEU A 922 16.47 -4.23 -9.13
C LEU A 922 15.47 -3.66 -8.15
N THR A 923 15.33 -4.28 -6.98
CA THR A 923 14.38 -3.75 -6.00
C THR A 923 14.91 -2.50 -5.32
N GLY A 924 16.19 -2.19 -5.50
CA GLY A 924 16.67 -0.87 -5.17
C GLY A 924 16.69 0.03 -6.39
N PHE A 925 16.00 -0.36 -7.44
CA PHE A 925 15.93 0.46 -8.64
C PHE A 925 14.55 0.50 -9.25
N ALA A 926 13.58 -0.16 -8.62
CA ALA A 926 12.19 0.24 -8.78
C ALA A 926 11.86 1.36 -7.80
N SER A 927 12.52 1.37 -6.66
CA SER A 927 12.30 2.41 -5.68
C SER A 927 13.07 3.65 -5.97
N ARG A 928 13.83 3.75 -7.05
CA ARG A 928 14.28 5.03 -7.54
C ARG A 928 13.46 5.50 -8.72
N ASP A 929 12.57 4.65 -9.23
CA ASP A 929 11.54 5.07 -10.17
C ASP A 929 10.40 5.73 -9.41
N LYS A 930 10.03 5.14 -8.27
CA LYS A 930 8.90 5.61 -7.49
C LYS A 930 9.11 7.02 -6.98
N GLN A 931 10.33 7.33 -6.55
CA GLN A 931 10.65 8.69 -6.16
C GLN A 931 11.00 9.58 -7.34
N ALA A 932 10.94 9.06 -8.56
CA ALA A 932 10.95 9.89 -9.75
C ALA A 932 9.57 10.03 -10.37
N LEU A 933 8.62 9.21 -9.92
CA LEU A 933 7.25 9.24 -10.38
C LEU A 933 6.31 9.88 -9.36
N GLU A 934 6.73 10.00 -8.11
CA GLU A 934 5.93 10.72 -7.14
C GLU A 934 5.91 12.21 -7.45
N MET A 935 6.88 12.70 -8.22
CA MET A 935 6.80 14.04 -8.76
C MET A 935 5.68 14.17 -9.80
N VAL A 936 5.40 13.12 -10.56
CA VAL A 936 4.21 13.11 -11.43
C VAL A 936 2.93 13.05 -10.63
N GLY A 937 2.89 12.27 -9.55
CA GLY A 937 1.71 12.20 -8.68
C GLY A 937 1.41 13.46 -7.90
N GLN A 938 2.17 14.53 -8.13
CA GLN A 938 1.83 15.86 -7.65
C GLN A 938 0.97 16.61 -8.66
N ILE A 939 1.40 16.65 -9.92
CA ILE A 939 0.72 17.42 -10.96
C ILE A 939 -0.62 16.79 -11.30
N THR A 940 -0.73 15.47 -11.17
CA THR A 940 -2.02 14.80 -11.30
C THR A 940 -2.98 15.26 -10.22
N ASN A 941 -2.60 15.06 -8.96
CA ASN A 941 -3.57 15.17 -7.87
C ASN A 941 -3.95 16.61 -7.60
N GLU A 942 -3.16 17.58 -8.07
CA GLU A 942 -3.63 18.95 -7.97
C GLU A 942 -4.43 19.35 -9.19
N ALA A 943 -4.62 18.43 -10.13
CA ALA A 943 -5.42 18.73 -11.31
C ALA A 943 -6.53 17.72 -11.56
N LEU A 944 -6.91 16.93 -10.56
CA LEU A 944 -8.13 16.15 -10.61
C LEU A 944 -9.01 16.40 -9.40
N SER A 945 -8.40 16.69 -8.26
CA SER A 945 -9.18 16.89 -7.04
C SER A 945 -9.99 18.17 -7.12
N ASN A 946 -9.48 19.17 -7.84
CA ASN A 946 -10.25 20.37 -8.12
C ASN A 946 -10.42 20.47 -9.63
N ILE A 947 -11.38 19.73 -10.16
CA ILE A 947 -11.67 19.76 -11.58
C ILE A 947 -12.74 20.79 -11.91
N ARG A 948 -13.54 21.18 -10.92
CA ARG A 948 -14.55 22.18 -11.20
C ARG A 948 -13.96 23.57 -11.27
N THR A 949 -12.79 23.78 -10.70
CA THR A 949 -12.13 25.07 -10.82
C THR A 949 -11.17 25.13 -11.99
N VAL A 950 -10.67 23.98 -12.45
CA VAL A 950 -9.84 23.97 -13.65
C VAL A 950 -10.68 24.28 -14.87
N ALA A 951 -11.77 23.55 -15.05
CA ALA A 951 -12.57 23.70 -16.25
C ALA A 951 -13.35 25.00 -16.25
N GLY A 952 -13.58 25.57 -15.07
CA GLY A 952 -14.31 26.83 -15.03
C GLY A 952 -13.49 28.02 -15.48
N ILE A 953 -12.19 28.00 -15.20
CA ILE A 953 -11.29 29.10 -15.53
C ILE A 953 -10.47 28.66 -16.72
N GLY A 954 -10.72 29.29 -17.86
CA GLY A 954 -9.88 29.17 -19.04
C GLY A 954 -9.74 27.77 -19.59
N LYS A 955 -8.56 27.18 -19.40
CA LYS A 955 -8.26 25.92 -20.04
C LYS A 955 -7.53 25.00 -19.08
N GLU A 956 -7.53 23.74 -19.47
CA GLU A 956 -6.71 22.70 -18.91
C GLU A 956 -5.63 22.23 -19.87
N ARG A 957 -5.36 22.99 -20.93
CA ARG A 957 -4.18 22.76 -21.76
C ARG A 957 -2.91 22.85 -20.95
N ARG A 958 -2.87 23.77 -19.99
CA ARG A 958 -1.70 23.95 -19.14
C ARG A 958 -1.43 22.71 -18.31
N PHE A 959 -2.47 22.08 -17.81
CA PHE A 959 -2.28 20.92 -16.95
C PHE A 959 -2.16 19.62 -17.72
N ILE A 960 -2.28 19.66 -19.04
CA ILE A 960 -1.93 18.50 -19.87
C ILE A 960 -0.47 18.66 -20.21
N GLU A 961 -0.12 19.84 -20.73
CA GLU A 961 1.22 20.17 -21.19
C GLU A 961 2.23 20.17 -20.06
N ALA A 962 1.80 20.31 -18.82
CA ALA A 962 2.72 20.07 -17.71
C ALA A 962 2.71 18.63 -17.25
N LEU A 963 2.35 17.69 -18.12
CA LEU A 963 2.63 16.30 -17.80
C LEU A 963 3.73 15.76 -18.70
N GLU A 964 3.71 16.12 -19.99
CA GLU A 964 4.77 15.70 -20.92
C GLU A 964 6.14 16.18 -20.47
N THR A 965 6.21 17.40 -19.95
CA THR A 965 7.46 17.91 -19.42
C THR A 965 7.86 17.17 -18.15
N GLU A 966 6.91 16.58 -17.44
CA GLU A 966 7.27 15.83 -16.26
C GLU A 966 7.21 14.33 -16.50
N LEU A 967 6.95 13.90 -17.72
CA LEU A 967 6.97 12.46 -17.96
C LEU A 967 8.18 12.05 -18.80
N GLU A 968 9.10 12.97 -19.07
CA GLU A 968 10.42 12.57 -19.51
C GLU A 968 11.23 12.01 -18.35
N LYS A 969 10.99 12.49 -17.15
CA LYS A 969 11.88 12.18 -16.04
C LYS A 969 11.77 10.76 -15.51
N PRO A 970 10.62 10.08 -15.53
CA PRO A 970 10.66 8.63 -15.32
C PRO A 970 10.92 7.82 -16.58
N PHE A 971 11.33 8.46 -17.66
CA PHE A 971 11.80 7.73 -18.83
C PHE A 971 13.31 7.67 -18.85
N LYS A 972 13.98 8.62 -18.19
CA LYS A 972 15.42 8.55 -18.11
C LYS A 972 15.91 7.64 -17.01
N THR A 973 15.03 7.15 -16.14
CA THR A 973 15.41 6.12 -15.18
C THR A 973 14.69 4.82 -15.44
N ALA A 974 14.23 4.64 -16.66
CA ALA A 974 13.94 3.33 -17.21
C ALA A 974 14.62 3.12 -18.53
N ILE A 975 15.51 4.03 -18.92
CA ILE A 975 16.49 3.72 -19.93
C ILE A 975 17.84 3.47 -19.27
N GLN A 976 17.94 3.73 -17.97
CA GLN A 976 19.08 3.33 -17.14
C GLN A 976 18.74 2.17 -16.23
N LYS A 977 17.57 1.58 -16.39
CA LYS A 977 17.34 0.20 -16.02
C LYS A 977 17.43 -0.69 -17.25
N ALA A 978 17.78 -0.13 -18.40
CA ALA A 978 18.13 -1.03 -19.47
C ALA A 978 19.57 -1.48 -19.28
N ASN A 979 20.52 -0.56 -19.44
CA ASN A 979 21.90 -1.04 -19.56
C ASN A 979 22.65 -1.06 -18.24
N ILE A 980 21.96 -1.13 -17.11
CA ILE A 980 22.53 -1.67 -15.89
C ILE A 980 21.67 -2.79 -15.37
N TYR A 981 20.71 -3.24 -16.17
CA TYR A 981 20.09 -4.53 -16.02
C TYR A 981 20.33 -5.35 -17.27
N GLY A 982 21.07 -4.80 -18.22
CA GLY A 982 21.71 -5.66 -19.18
C GLY A 982 22.94 -6.29 -18.62
N PHE A 983 23.94 -5.50 -18.29
CA PHE A 983 25.23 -5.98 -17.86
C PHE A 983 25.20 -6.66 -16.50
N CYS A 984 24.15 -6.52 -15.71
CA CYS A 984 24.03 -7.38 -14.54
C CYS A 984 23.22 -8.63 -14.84
N PHE A 985 22.90 -8.86 -16.10
CA PHE A 985 22.15 -10.06 -16.48
C PHE A 985 22.85 -10.80 -17.59
N ALA A 986 23.58 -10.10 -18.44
CA ALA A 986 24.43 -10.81 -19.38
C ALA A 986 25.62 -11.40 -18.67
N PHE A 987 26.32 -10.59 -17.89
CA PHE A 987 27.47 -11.06 -17.13
C PHE A 987 27.07 -11.92 -15.94
N ALA A 988 25.79 -12.04 -15.65
CA ALA A 988 25.37 -12.98 -14.63
C ALA A 988 25.11 -14.34 -15.24
N GLN A 989 25.38 -14.49 -16.53
CA GLN A 989 24.95 -15.67 -17.24
C GLN A 989 26.01 -16.17 -18.21
N CYS A 990 27.08 -15.41 -18.42
CA CYS A 990 28.23 -15.93 -19.11
C CYS A 990 29.39 -16.16 -18.18
N ILE A 991 29.15 -16.21 -16.87
CA ILE A 991 30.26 -16.47 -15.98
C ILE A 991 30.24 -17.91 -15.53
N MET A 992 29.20 -18.66 -15.87
CA MET A 992 29.23 -20.10 -15.69
C MET A 992 29.41 -20.83 -17.01
N PHE A 993 29.61 -20.12 -18.11
CA PHE A 993 30.08 -20.72 -19.35
C PHE A 993 31.52 -20.37 -19.62
N ILE A 994 32.10 -19.42 -18.92
CA ILE A 994 33.53 -19.21 -18.96
C ILE A 994 34.21 -19.93 -17.80
N ALA A 995 33.45 -20.31 -16.79
CA ALA A 995 34.00 -21.13 -15.72
C ALA A 995 34.26 -22.54 -16.18
N ASN A 996 33.49 -23.01 -17.16
CA ASN A 996 33.79 -24.32 -17.71
C ASN A 996 34.79 -24.21 -18.84
N SER A 997 35.58 -23.17 -18.90
CA SER A 997 36.55 -23.07 -19.98
C SER A 997 37.94 -22.76 -19.47
N ALA A 998 38.03 -22.01 -18.38
CA ALA A 998 39.33 -21.86 -17.73
C ALA A 998 39.67 -23.12 -16.98
N SER A 999 38.65 -23.86 -16.56
CA SER A 999 38.89 -25.09 -15.84
C SER A 999 39.36 -26.21 -16.76
N TYR A 1000 38.54 -26.59 -17.74
CA TYR A 1000 38.87 -27.73 -18.56
C TYR A 1000 40.04 -27.47 -19.50
N ARG A 1001 40.40 -26.22 -19.74
CA ARG A 1001 41.68 -25.94 -20.37
C ARG A 1001 42.82 -26.37 -19.49
N TYR A 1002 42.78 -25.97 -18.22
CA TYR A 1002 43.73 -26.47 -17.26
C TYR A 1002 43.45 -27.89 -16.87
N GLY A 1003 42.21 -28.34 -16.99
CA GLY A 1003 41.91 -29.72 -16.69
C GLY A 1003 42.52 -30.67 -17.70
N GLY A 1004 42.61 -30.24 -18.95
CA GLY A 1004 43.28 -31.05 -19.93
C GLY A 1004 44.77 -31.10 -19.71
N TYR A 1005 45.31 -30.06 -19.07
CA TYR A 1005 46.72 -30.04 -18.75
C TYR A 1005 47.06 -31.04 -17.66
N LEU A 1006 46.09 -31.39 -16.83
CA LEU A 1006 46.37 -32.32 -15.74
C LEU A 1006 46.32 -33.77 -16.20
N ILE A 1007 45.31 -34.13 -16.99
CA ILE A 1007 45.07 -35.53 -17.32
C ILE A 1007 46.18 -36.07 -18.21
N SER A 1008 46.79 -35.20 -19.00
CA SER A 1008 47.76 -35.66 -19.98
C SER A 1008 49.08 -36.04 -19.33
N ASN A 1009 49.75 -35.08 -18.69
CA ASN A 1009 51.11 -35.34 -18.24
C ASN A 1009 51.18 -35.68 -16.75
N GLU A 1010 50.17 -35.30 -15.97
CA GLU A 1010 50.05 -35.79 -14.62
C GLU A 1010 49.07 -36.95 -14.56
N GLY A 1011 49.07 -37.65 -13.43
CA GLY A 1011 48.28 -38.87 -13.31
C GLY A 1011 46.90 -38.67 -12.73
N LEU A 1012 46.41 -37.42 -12.72
CA LEU A 1012 45.05 -37.13 -12.30
C LEU A 1012 44.11 -37.77 -13.29
N HIS A 1013 43.50 -38.89 -12.95
CA HIS A 1013 42.75 -39.58 -13.97
C HIS A 1013 41.42 -38.89 -14.12
N PHE A 1014 40.81 -39.12 -15.27
CA PHE A 1014 39.61 -38.55 -15.86
C PHE A 1014 38.49 -38.21 -14.90
N SER A 1015 38.15 -39.07 -13.95
CA SER A 1015 36.90 -38.87 -13.22
C SER A 1015 36.97 -37.72 -12.23
N TYR A 1016 38.16 -37.27 -11.86
CA TYR A 1016 38.31 -36.26 -10.83
C TYR A 1016 38.22 -34.86 -11.37
N VAL A 1017 37.81 -34.64 -12.61
CA VAL A 1017 37.78 -33.29 -13.14
C VAL A 1017 36.32 -32.89 -13.23
N PHE A 1018 35.44 -33.87 -13.39
CA PHE A 1018 34.04 -33.55 -13.27
C PHE A 1018 33.60 -33.45 -11.82
N ARG A 1019 34.46 -33.81 -10.89
CA ARG A 1019 34.09 -33.80 -9.48
C ARG A 1019 34.55 -32.51 -8.81
N VAL A 1020 35.72 -32.01 -9.19
CA VAL A 1020 36.22 -30.78 -8.62
C VAL A 1020 35.44 -29.59 -9.18
N ILE A 1021 34.94 -29.70 -10.41
CA ILE A 1021 34.24 -28.59 -11.04
C ILE A 1021 32.76 -28.61 -10.70
N SER A 1022 32.19 -29.80 -10.57
CA SER A 1022 30.80 -29.80 -10.16
C SER A 1022 30.62 -29.59 -8.68
N ALA A 1023 31.68 -29.46 -7.90
CA ALA A 1023 31.52 -29.21 -6.48
C ALA A 1023 31.73 -27.76 -6.12
N VAL A 1024 32.44 -26.98 -6.93
CA VAL A 1024 32.54 -25.56 -6.64
C VAL A 1024 31.83 -24.70 -7.67
N VAL A 1025 30.89 -25.25 -8.41
CA VAL A 1025 29.95 -24.46 -9.16
C VAL A 1025 28.56 -24.74 -8.61
N LEU A 1026 28.28 -26.00 -8.29
CA LEU A 1026 27.03 -26.35 -7.65
C LEU A 1026 26.98 -25.91 -6.19
N SER A 1027 28.13 -25.69 -5.57
CA SER A 1027 28.09 -25.08 -4.26
C SER A 1027 28.51 -23.63 -4.32
N ALA A 1028 28.41 -23.02 -5.49
CA ALA A 1028 28.53 -21.58 -5.59
C ALA A 1028 27.21 -20.98 -5.98
N THR A 1029 26.50 -21.62 -6.90
CA THR A 1029 25.16 -21.17 -7.21
C THR A 1029 24.23 -21.40 -6.05
N ALA A 1030 24.30 -22.57 -5.41
CA ALA A 1030 23.47 -22.86 -4.26
C ALA A 1030 24.01 -22.24 -2.97
N LEU A 1031 25.01 -21.38 -3.07
CA LEU A 1031 25.27 -20.39 -2.04
C LEU A 1031 24.30 -19.23 -2.25
N GLY A 1032 24.38 -18.58 -3.39
CA GLY A 1032 23.52 -17.46 -3.71
C GLY A 1032 22.05 -17.78 -3.84
N ARG A 1033 21.71 -18.90 -4.48
CA ARG A 1033 20.31 -19.32 -4.63
C ARG A 1033 19.66 -19.52 -3.28
N ALA A 1034 20.37 -20.14 -2.34
CA ALA A 1034 19.87 -20.17 -0.97
C ALA A 1034 19.91 -18.80 -0.34
N PHE A 1035 20.88 -17.96 -0.73
CA PHE A 1035 21.10 -16.69 -0.05
C PHE A 1035 19.97 -15.69 -0.33
N SER A 1036 19.27 -15.84 -1.44
CA SER A 1036 18.16 -14.93 -1.68
C SER A 1036 16.86 -15.37 -1.07
N TYR A 1037 16.85 -16.38 -0.20
CA TYR A 1037 15.67 -16.76 0.55
C TYR A 1037 15.62 -16.10 1.92
N THR A 1038 16.13 -14.87 2.02
CA THR A 1038 16.31 -14.19 3.28
C THR A 1038 15.42 -12.94 3.33
N PRO A 1039 14.44 -12.90 4.24
CA PRO A 1039 13.86 -11.61 4.62
C PRO A 1039 14.90 -10.84 5.42
N SER A 1040 15.36 -9.73 4.85
CA SER A 1040 16.73 -9.24 5.07
C SER A 1040 16.96 -8.87 6.52
N TYR A 1041 18.14 -9.25 7.01
CA TYR A 1041 18.43 -9.15 8.44
C TYR A 1041 18.57 -7.70 8.89
N ALA A 1042 18.98 -6.81 7.97
CA ALA A 1042 19.05 -5.39 8.32
C ALA A 1042 17.67 -4.77 8.48
N LYS A 1043 16.65 -5.31 7.81
CA LYS A 1043 15.31 -4.77 8.00
C LYS A 1043 14.52 -5.63 8.98
N ALA A 1044 15.22 -6.29 9.90
CA ALA A 1044 14.56 -6.90 11.05
C ALA A 1044 15.07 -6.29 12.34
N LYS A 1045 16.38 -6.04 12.44
CA LYS A 1045 16.92 -5.40 13.63
C LYS A 1045 16.47 -3.95 13.78
N ILE A 1046 16.23 -3.26 12.67
CA ILE A 1046 15.70 -1.91 12.71
C ILE A 1046 14.18 -2.03 12.75
N SER A 1047 13.68 -3.25 12.55
CA SER A 1047 12.24 -3.50 12.66
C SER A 1047 11.86 -4.14 14.00
N ALA A 1048 12.79 -4.79 14.68
CA ALA A 1048 12.50 -5.27 16.02
C ALA A 1048 12.75 -4.20 17.06
N ALA A 1049 13.72 -3.32 16.81
CA ALA A 1049 14.04 -2.28 17.79
C ALA A 1049 12.92 -1.26 17.91
N ARG A 1050 12.06 -1.16 16.91
CA ARG A 1050 10.87 -0.33 16.95
C ARG A 1050 9.71 -1.01 17.57
N PHE A 1051 10.00 -2.08 18.30
CA PHE A 1051 9.02 -2.88 18.98
C PHE A 1051 9.39 -3.11 20.44
N PHE A 1052 10.68 -3.29 20.74
CA PHE A 1052 11.07 -3.53 22.13
C PHE A 1052 10.97 -2.27 22.97
N GLN A 1053 11.09 -1.10 22.34
CA GLN A 1053 10.85 0.14 23.08
C GLN A 1053 9.37 0.26 23.46
N LEU A 1054 8.49 -0.22 22.59
CA LEU A 1054 7.08 -0.32 22.94
C LEU A 1054 6.85 -1.44 23.93
N LEU A 1055 7.59 -2.53 23.77
CA LEU A 1055 7.40 -3.70 24.61
C LEU A 1055 7.89 -3.44 26.02
N ASP A 1056 8.80 -2.50 26.19
CA ASP A 1056 9.18 -2.01 27.51
C ASP A 1056 9.37 -0.50 27.40
N ARG A 1057 8.29 0.23 27.66
CA ARG A 1057 8.31 1.67 27.81
C ARG A 1057 7.90 1.97 29.24
N GLN A 1058 8.41 3.06 29.79
CA GLN A 1058 7.99 3.48 31.13
C GLN A 1058 7.06 4.67 30.98
N PRO A 1059 5.75 4.48 31.14
CA PRO A 1059 4.80 5.57 30.89
C PRO A 1059 4.67 6.46 32.11
N PRO A 1060 4.20 7.70 31.94
CA PRO A 1060 4.17 8.62 33.09
C PRO A 1060 3.09 8.30 34.11
N ILE A 1061 1.88 7.99 33.67
CA ILE A 1061 0.87 7.40 34.54
C ILE A 1061 0.48 6.06 33.94
N SER A 1062 0.11 5.11 34.79
CA SER A 1062 -0.04 3.77 34.28
C SER A 1062 -0.94 2.94 35.16
N VAL A 1063 -1.61 1.99 34.53
CA VAL A 1063 -2.43 1.04 35.25
C VAL A 1063 -1.54 -0.05 35.85
N TYR A 1064 -0.45 -0.38 35.17
CA TYR A 1064 0.44 -1.44 35.63
C TYR A 1064 1.59 -0.80 36.42
N ASN A 1065 1.27 -0.36 37.63
CA ASN A 1065 2.23 0.34 38.48
C ASN A 1065 1.92 -0.05 39.91
N THR A 1066 2.39 0.75 40.87
CA THR A 1066 2.08 0.57 42.27
C THR A 1066 0.57 0.67 42.47
N ALA A 1067 -0.05 -0.44 42.85
CA ALA A 1067 -1.49 -0.59 42.82
C ALA A 1067 -2.06 -0.87 44.20
N GLY A 1068 -1.64 -0.11 45.21
CA GLY A 1068 -2.14 -0.33 46.56
C GLY A 1068 -2.41 0.91 47.40
N GLU A 1069 -2.69 2.05 46.76
CA GLU A 1069 -2.94 3.30 47.47
C GLU A 1069 -4.40 3.72 47.26
N LYS A 1070 -5.26 3.23 48.14
CA LYS A 1070 -6.71 3.25 47.98
C LYS A 1070 -7.33 3.37 49.37
N TRP A 1071 -8.59 2.90 49.49
CA TRP A 1071 -9.37 2.84 50.73
C TRP A 1071 -9.75 4.24 51.21
N ASP A 1072 -10.36 5.00 50.31
CA ASP A 1072 -11.00 6.27 50.64
C ASP A 1072 -12.38 6.27 49.98
N ASN A 1073 -13.42 6.06 50.80
CA ASN A 1073 -14.79 6.26 50.35
C ASN A 1073 -14.99 7.72 50.01
N PHE A 1074 -15.54 7.99 48.83
CA PHE A 1074 -15.39 9.32 48.23
C PHE A 1074 -16.20 10.38 48.95
N GLN A 1075 -17.54 10.22 48.93
CA GLN A 1075 -18.50 11.13 49.55
C GLN A 1075 -18.36 12.57 49.03
N GLY A 1076 -17.97 12.69 47.77
CA GLY A 1076 -18.18 13.91 46.99
C GLY A 1076 -17.50 15.17 47.48
N LYS A 1077 -16.35 15.04 48.12
CA LYS A 1077 -15.58 16.20 48.57
C LYS A 1077 -14.46 16.56 47.60
N ILE A 1078 -14.72 16.39 46.31
CA ILE A 1078 -13.70 16.51 45.29
C ILE A 1078 -13.39 17.98 45.04
N ASP A 1079 -12.11 18.30 44.87
CA ASP A 1079 -11.62 19.67 44.99
C ASP A 1079 -10.66 20.02 43.85
N PHE A 1080 -10.69 21.27 43.43
CA PHE A 1080 -9.63 21.84 42.61
C PHE A 1080 -8.93 22.94 43.39
N VAL A 1081 -7.61 23.05 43.22
CA VAL A 1081 -6.86 24.21 43.72
C VAL A 1081 -5.94 24.71 42.61
N ASP A 1082 -6.43 25.66 41.79
CA ASP A 1082 -5.62 26.43 40.82
C ASP A 1082 -4.86 25.56 39.82
N CYS A 1083 -5.60 24.86 38.96
CA CYS A 1083 -5.02 23.82 38.14
C CYS A 1083 -4.60 24.35 36.78
N LYS A 1084 -3.30 24.42 36.53
CA LYS A 1084 -2.78 24.71 35.20
C LYS A 1084 -2.82 23.44 34.35
N PHE A 1085 -2.79 23.64 33.03
CA PHE A 1085 -2.88 22.49 32.14
C PHE A 1085 -2.33 22.80 30.76
N THR A 1086 -1.72 21.78 30.14
CA THR A 1086 -1.22 21.84 28.77
C THR A 1086 -1.72 20.62 28.00
N TYR A 1087 -1.79 20.75 26.67
CA TYR A 1087 -1.72 19.56 25.82
C TYR A 1087 -0.28 19.34 25.42
N PRO A 1088 0.42 18.36 26.00
CA PRO A 1088 1.82 18.13 25.62
C PRO A 1088 1.96 17.52 24.23
N SER A 1089 0.89 17.04 23.63
CA SER A 1089 0.94 16.54 22.26
C SER A 1089 0.40 17.54 21.25
N ARG A 1090 -0.33 18.55 21.68
CA ARG A 1090 -0.82 19.61 20.80
C ARG A 1090 -0.50 20.95 21.44
N PRO A 1091 0.71 21.48 21.22
CA PRO A 1091 1.08 22.73 21.90
C PRO A 1091 0.47 23.95 21.24
N ASP A 1092 -0.85 24.12 21.37
CA ASP A 1092 -1.48 25.32 20.84
C ASP A 1092 -1.15 26.53 21.70
N SER A 1093 -1.57 26.49 22.97
CA SER A 1093 -1.13 27.44 23.97
C SER A 1093 0.05 26.83 24.72
N GLN A 1094 0.42 27.47 25.82
CA GLN A 1094 1.44 26.93 26.71
C GLN A 1094 0.97 26.80 28.14
N VAL A 1095 -0.06 27.56 28.56
CA VAL A 1095 -0.61 27.53 29.91
C VAL A 1095 -2.11 27.76 29.81
N LEU A 1096 -2.89 26.81 30.34
CA LEU A 1096 -4.29 27.07 30.68
C LEU A 1096 -4.34 27.54 32.13
N ASN A 1097 -5.22 28.50 32.39
CA ASN A 1097 -5.22 29.18 33.68
C ASN A 1097 -5.70 28.27 34.80
N GLY A 1098 -5.23 28.56 36.01
CA GLY A 1098 -5.65 27.79 37.16
C GLY A 1098 -7.09 28.03 37.52
N LEU A 1099 -7.66 27.04 38.22
CA LEU A 1099 -9.06 27.11 38.61
C LEU A 1099 -9.23 26.29 39.88
N SER A 1100 -9.96 26.83 40.85
CA SER A 1100 -10.13 26.20 42.16
C SER A 1100 -11.60 26.12 42.51
N VAL A 1101 -12.15 24.91 42.45
CA VAL A 1101 -13.54 24.65 42.81
C VAL A 1101 -13.57 23.49 43.78
N SER A 1102 -14.29 23.68 44.89
CA SER A 1102 -14.61 22.60 45.82
C SER A 1102 -16.09 22.34 45.75
N ILE A 1103 -16.51 21.14 46.17
CA ILE A 1103 -17.92 20.79 46.22
C ILE A 1103 -18.10 19.69 47.26
N SER A 1104 -19.35 19.53 47.75
CA SER A 1104 -20.23 18.72 48.58
C SER A 1104 -20.81 17.59 47.74
N PRO A 1105 -21.08 16.42 48.33
CA PRO A 1105 -21.61 15.29 47.54
C PRO A 1105 -23.02 15.54 47.05
N GLY A 1106 -23.37 14.79 46.01
CA GLY A 1106 -24.70 14.86 45.41
C GLY A 1106 -25.02 16.19 44.76
N GLN A 1107 -24.02 16.86 44.19
CA GLN A 1107 -24.20 18.22 43.73
C GLN A 1107 -23.52 18.36 42.36
N THR A 1108 -23.60 19.53 41.76
CA THR A 1108 -23.17 19.74 40.38
C THR A 1108 -22.21 20.92 40.28
N LEU A 1109 -21.13 20.75 39.51
CA LEU A 1109 -20.25 21.87 39.23
C LEU A 1109 -20.76 22.75 38.10
N ALA A 1110 -21.30 22.13 37.04
CA ALA A 1110 -22.05 22.79 35.95
C ALA A 1110 -21.22 23.85 35.23
N PHE A 1111 -20.20 23.37 34.53
CA PHE A 1111 -19.35 24.26 33.74
C PHE A 1111 -20.06 24.76 32.49
N VAL A 1112 -20.10 26.08 32.33
CA VAL A 1112 -20.44 26.65 31.03
C VAL A 1112 -19.61 27.93 30.86
N GLY A 1113 -19.08 28.15 29.66
CA GLY A 1113 -18.06 29.16 29.46
C GLY A 1113 -17.25 28.96 28.19
N SER A 1114 -15.92 28.89 28.32
CA SER A 1114 -15.02 28.68 27.18
C SER A 1114 -15.28 27.34 26.51
N SER A 1115 -15.58 27.40 25.21
CA SER A 1115 -15.80 26.20 24.43
C SER A 1115 -14.51 25.62 23.86
N GLY A 1116 -13.44 26.41 23.79
CA GLY A 1116 -12.16 25.91 23.30
C GLY A 1116 -11.16 25.67 24.40
N CYS A 1117 -10.99 24.38 24.78
CA CYS A 1117 -10.02 23.92 25.79
C CYS A 1117 -10.23 24.59 27.14
N GLY A 1118 -11.49 24.88 27.49
CA GLY A 1118 -11.78 25.57 28.71
C GLY A 1118 -12.57 24.82 29.77
N LYS A 1119 -13.55 24.01 29.36
CA LYS A 1119 -14.43 23.45 30.38
C LYS A 1119 -14.59 21.94 30.32
N SER A 1120 -14.63 21.35 29.13
CA SER A 1120 -14.67 19.89 29.04
C SER A 1120 -13.30 19.31 29.36
N THR A 1121 -12.26 19.98 28.89
CA THR A 1121 -10.88 19.56 29.14
C THR A 1121 -10.53 19.65 30.61
N SER A 1122 -11.08 20.62 31.33
CA SER A 1122 -10.83 20.74 32.76
C SER A 1122 -11.65 19.78 33.61
N ILE A 1123 -12.42 18.87 33.00
CA ILE A 1123 -13.04 17.79 33.72
C ILE A 1123 -12.72 16.44 33.09
N GLN A 1124 -12.24 16.41 31.85
CA GLN A 1124 -11.56 15.26 31.30
C GLN A 1124 -10.15 15.13 31.88
N LEU A 1125 -9.65 16.21 32.49
CA LEU A 1125 -8.52 16.13 33.40
C LEU A 1125 -8.82 15.27 34.61
N LEU A 1126 -10.05 15.33 35.11
CA LEU A 1126 -10.40 14.63 36.34
C LEU A 1126 -10.39 13.12 36.12
N GLU A 1127 -10.78 12.71 34.93
CA GLU A 1127 -10.44 11.37 34.47
C GLU A 1127 -8.93 11.32 34.29
N ARG A 1128 -8.30 10.29 34.82
CA ARG A 1128 -6.85 10.21 34.77
C ARG A 1128 -6.40 9.87 33.35
N PHE A 1129 -6.61 10.79 32.41
CA PHE A 1129 -6.19 10.59 31.03
C PHE A 1129 -4.98 11.45 30.75
N TYR A 1130 -5.07 12.70 31.13
CA TYR A 1130 -3.97 13.65 31.20
C TYR A 1130 -3.69 13.93 32.66
N ASP A 1131 -2.76 14.83 32.91
CA ASP A 1131 -2.23 15.01 34.25
C ASP A 1131 -2.25 16.50 34.59
N PRO A 1132 -2.36 16.84 35.87
CA PRO A 1132 -2.24 18.25 36.25
C PRO A 1132 -0.83 18.76 35.98
N ASP A 1133 -0.75 19.84 35.20
CA ASP A 1133 0.51 20.56 35.03
C ASP A 1133 1.02 21.04 36.38
N GLN A 1134 0.13 21.67 37.14
CA GLN A 1134 0.26 21.88 38.57
C GLN A 1134 -1.16 21.90 39.12
N GLY A 1135 -1.35 22.44 40.31
CA GLY A 1135 -2.70 22.49 40.82
C GLY A 1135 -3.24 21.17 41.31
N LYS A 1136 -2.78 20.77 42.49
CA LYS A 1136 -3.13 19.48 43.05
C LYS A 1136 -4.62 19.39 43.38
N VAL A 1137 -5.30 18.44 42.73
CA VAL A 1137 -6.71 18.15 43.01
C VAL A 1137 -6.76 17.19 44.19
N MET A 1138 -7.94 17.03 44.77
CA MET A 1138 -8.09 16.20 45.97
C MET A 1138 -9.32 15.32 45.83
N ILE A 1139 -9.45 14.38 46.78
CA ILE A 1139 -10.64 13.56 46.89
C ILE A 1139 -11.27 13.76 48.27
N ASP A 1140 -10.56 13.33 49.31
CA ASP A 1140 -10.86 13.70 50.70
C ASP A 1140 -9.54 14.13 51.31
N GLY A 1141 -9.12 15.35 51.01
CA GLY A 1141 -7.78 15.81 51.35
C GLY A 1141 -6.66 14.94 50.81
N HIS A 1142 -6.91 14.22 49.71
CA HIS A 1142 -5.97 13.22 49.23
C HIS A 1142 -5.13 13.76 48.08
N ASP A 1143 -3.94 13.21 47.99
CA ASP A 1143 -3.03 13.46 46.88
C ASP A 1143 -3.41 12.47 45.78
N SER A 1144 -4.03 13.00 44.71
CA SER A 1144 -4.71 12.14 43.75
C SER A 1144 -3.74 11.38 42.85
N LYS A 1145 -2.55 11.90 42.62
CA LYS A 1145 -1.55 11.09 41.91
C LYS A 1145 -1.03 9.96 42.78
N LYS A 1146 -1.09 10.12 44.09
CA LYS A 1146 -0.75 9.03 44.99
C LYS A 1146 -1.95 8.21 45.37
N VAL A 1147 -2.96 8.16 44.49
CA VAL A 1147 -4.06 7.22 44.54
C VAL A 1147 -4.09 6.49 43.22
N ASN A 1148 -4.06 5.16 43.29
CA ASN A 1148 -3.94 4.29 42.13
C ASN A 1148 -5.18 4.36 41.26
N VAL A 1149 -5.02 4.01 39.99
CA VAL A 1149 -6.04 4.29 38.99
C VAL A 1149 -7.12 3.21 39.01
N GLN A 1150 -6.79 1.98 39.43
CA GLN A 1150 -7.74 0.88 39.38
C GLN A 1150 -8.90 1.07 40.35
N PHE A 1151 -8.65 1.73 41.48
CA PHE A 1151 -9.73 2.11 42.38
C PHE A 1151 -10.45 3.37 41.88
N LEU A 1152 -9.68 4.40 41.52
CA LEU A 1152 -10.24 5.72 41.26
C LEU A 1152 -11.08 5.73 40.00
N ARG A 1153 -10.57 5.11 38.94
CA ARG A 1153 -11.32 5.05 37.70
C ARG A 1153 -12.49 4.08 37.80
N SER A 1154 -12.51 3.23 38.81
CA SER A 1154 -13.64 2.34 38.99
C SER A 1154 -14.87 3.07 39.52
N ASN A 1155 -14.70 3.95 40.50
CA ASN A 1155 -15.82 4.53 41.23
C ASN A 1155 -16.41 5.76 40.56
N ILE A 1156 -16.16 5.96 39.28
CA ILE A 1156 -16.69 7.08 38.52
C ILE A 1156 -17.49 6.52 37.35
N GLY A 1157 -18.03 7.42 36.53
CA GLY A 1157 -18.76 7.02 35.35
C GLY A 1157 -18.97 8.18 34.41
N ILE A 1158 -18.69 7.98 33.12
CA ILE A 1158 -18.68 9.06 32.15
C ILE A 1158 -19.79 8.82 31.14
N VAL A 1159 -19.92 9.76 30.21
CA VAL A 1159 -20.63 9.55 28.95
C VAL A 1159 -19.95 10.46 27.94
N SER A 1160 -19.80 9.99 26.72
CA SER A 1160 -18.99 10.69 25.74
C SER A 1160 -19.80 11.78 25.06
N GLN A 1161 -19.09 12.79 24.55
CA GLN A 1161 -19.71 13.82 23.74
C GLN A 1161 -20.22 13.24 22.42
N GLU A 1162 -19.32 12.71 21.63
CA GLU A 1162 -19.67 12.03 20.38
C GLU A 1162 -19.91 10.55 20.63
N PRO A 1163 -20.82 9.93 19.89
CA PRO A 1163 -21.11 8.52 20.12
C PRO A 1163 -20.03 7.61 19.56
N VAL A 1164 -19.52 6.73 20.43
CA VAL A 1164 -18.63 5.67 20.00
C VAL A 1164 -18.84 4.43 20.87
N LEU A 1165 -19.25 3.35 20.23
CA LEU A 1165 -19.49 2.08 20.91
C LEU A 1165 -18.76 0.98 20.15
N PHE A 1166 -19.10 -0.25 20.49
CA PHE A 1166 -18.45 -1.40 19.87
C PHE A 1166 -19.24 -1.88 18.66
N ALA A 1167 -18.75 -2.96 18.07
CA ALA A 1167 -19.46 -3.63 16.99
C ALA A 1167 -20.32 -4.79 17.48
N CYS A 1168 -20.57 -4.87 18.78
CA CYS A 1168 -21.35 -5.95 19.36
C CYS A 1168 -22.84 -5.58 19.33
N SER A 1169 -23.63 -6.32 20.10
CA SER A 1169 -25.08 -6.17 20.14
C SER A 1169 -25.46 -5.09 21.17
N ILE A 1170 -26.74 -5.04 21.52
CA ILE A 1170 -27.23 -4.06 22.49
C ILE A 1170 -26.71 -4.39 23.89
N MET A 1171 -27.00 -5.60 24.38
CA MET A 1171 -26.66 -5.93 25.76
C MET A 1171 -25.17 -6.01 25.97
N ASP A 1172 -24.42 -6.37 24.94
CA ASP A 1172 -22.98 -6.59 25.09
C ASP A 1172 -22.21 -5.30 25.34
N ASN A 1173 -22.81 -4.13 25.11
CA ASN A 1173 -22.22 -2.90 25.61
C ASN A 1173 -22.75 -2.52 26.99
N ILE A 1174 -23.96 -2.91 27.34
CA ILE A 1174 -24.41 -2.74 28.71
C ILE A 1174 -23.77 -3.81 29.60
N LYS A 1175 -23.44 -4.95 29.01
CA LYS A 1175 -22.52 -5.90 29.63
C LYS A 1175 -21.18 -5.24 29.92
N TYR A 1176 -20.73 -4.39 29.00
CA TYR A 1176 -19.41 -3.77 29.08
C TYR A 1176 -19.34 -2.67 30.13
N GLY A 1177 -20.45 -2.34 30.78
CA GLY A 1177 -20.50 -1.32 31.81
C GLY A 1177 -19.66 -1.62 33.04
N ASP A 1178 -19.25 -2.86 33.24
CA ASP A 1178 -18.22 -3.16 34.22
C ASP A 1178 -17.10 -3.94 33.56
N ASN A 1179 -15.92 -3.86 34.16
CA ASN A 1179 -14.70 -4.39 33.57
C ASN A 1179 -14.19 -5.61 34.32
N THR A 1180 -14.41 -5.62 35.63
CA THR A 1180 -13.96 -6.72 36.47
C THR A 1180 -15.14 -7.31 37.24
N LYS A 1181 -16.11 -6.48 37.59
CA LYS A 1181 -17.21 -6.84 38.48
C LYS A 1181 -18.15 -7.85 37.81
N GLU A 1182 -19.01 -8.43 38.64
CA GLU A 1182 -20.01 -9.40 38.19
C GLU A 1182 -21.04 -8.69 37.32
N ILE A 1183 -21.07 -9.07 36.05
CA ILE A 1183 -21.90 -8.42 35.03
C ILE A 1183 -23.37 -8.64 35.33
N PRO A 1184 -24.14 -7.58 35.58
CA PRO A 1184 -25.51 -7.77 36.06
C PRO A 1184 -26.47 -8.16 34.95
N MET A 1185 -27.44 -8.99 35.32
CA MET A 1185 -28.63 -9.20 34.51
C MET A 1185 -29.83 -8.52 35.15
N GLU A 1186 -29.74 -8.18 36.42
CA GLU A 1186 -30.80 -7.51 37.17
C GLU A 1186 -30.91 -6.03 36.84
N ARG A 1187 -29.87 -5.42 36.28
CA ARG A 1187 -29.97 -4.03 35.88
C ARG A 1187 -30.19 -3.89 34.38
N VAL A 1188 -30.22 -5.00 33.64
CA VAL A 1188 -30.60 -4.96 32.23
C VAL A 1188 -32.06 -4.51 32.10
N ILE A 1189 -32.90 -4.96 33.03
CA ILE A 1189 -34.29 -4.53 33.07
C ILE A 1189 -34.41 -3.09 33.54
N ALA A 1190 -33.61 -2.71 34.55
CA ALA A 1190 -33.76 -1.40 35.16
C ALA A 1190 -33.11 -0.28 34.37
N ALA A 1191 -31.92 -0.50 33.79
CA ALA A 1191 -31.27 0.57 33.06
C ALA A 1191 -31.93 0.80 31.71
N ALA A 1192 -32.71 -0.17 31.25
CA ALA A 1192 -33.53 0.05 30.06
C ALA A 1192 -34.61 1.09 30.34
N LYS A 1193 -35.23 1.03 31.51
CA LYS A 1193 -36.29 1.99 31.81
C LYS A 1193 -35.74 3.25 32.45
N GLN A 1194 -34.60 3.16 33.13
CA GLN A 1194 -34.02 4.34 33.74
C GLN A 1194 -33.40 5.26 32.70
N ALA A 1195 -32.87 4.69 31.61
CA ALA A 1195 -32.22 5.48 30.57
C ALA A 1195 -33.04 5.54 29.29
N GLN A 1196 -34.37 5.54 29.40
CA GLN A 1196 -35.35 5.89 28.36
C GLN A 1196 -35.38 4.94 27.17
N LEU A 1197 -34.96 3.68 27.32
CA LEU A 1197 -34.87 2.81 26.14
C LEU A 1197 -35.56 1.47 26.34
N HIS A 1198 -36.40 1.33 27.36
CA HIS A 1198 -37.06 0.05 27.61
C HIS A 1198 -38.13 -0.23 26.56
N ASP A 1199 -38.64 0.82 25.92
CA ASP A 1199 -39.58 0.62 24.83
C ASP A 1199 -38.85 0.56 23.49
N PHE A 1200 -37.77 1.33 23.35
CA PHE A 1200 -37.01 1.30 22.09
C PHE A 1200 -36.24 0.01 21.93
N VAL A 1201 -35.93 -0.67 23.04
CA VAL A 1201 -35.37 -2.01 22.92
C VAL A 1201 -36.47 -3.00 22.52
N MET A 1202 -37.73 -2.65 22.75
CA MET A 1202 -38.84 -3.52 22.37
C MET A 1202 -39.46 -3.15 21.03
N SER A 1203 -39.35 -1.89 20.61
CA SER A 1203 -39.89 -1.46 19.31
C SER A 1203 -39.11 -2.02 18.13
N LEU A 1204 -37.90 -2.50 18.36
CA LEU A 1204 -37.13 -3.26 17.38
C LEU A 1204 -37.76 -4.63 17.21
N PRO A 1205 -37.61 -5.25 16.03
CA PRO A 1205 -38.19 -6.59 15.84
C PRO A 1205 -37.50 -7.67 16.65
N GLU A 1206 -36.27 -7.45 17.08
CA GLU A 1206 -35.49 -8.42 17.82
C GLU A 1206 -35.20 -7.90 19.22
N LYS A 1207 -34.73 -8.81 20.08
CA LYS A 1207 -34.57 -8.52 21.49
C LYS A 1207 -33.16 -8.05 21.81
N TYR A 1208 -32.15 -8.87 21.51
CA TYR A 1208 -30.76 -8.51 21.78
C TYR A 1208 -29.91 -8.38 20.52
N GLU A 1209 -30.31 -9.00 19.42
CA GLU A 1209 -29.46 -9.17 18.24
C GLU A 1209 -29.34 -7.89 17.40
N THR A 1210 -29.74 -6.74 17.93
CA THR A 1210 -29.56 -5.48 17.22
C THR A 1210 -28.07 -5.14 17.25
N ASN A 1211 -27.35 -5.56 16.21
CA ASN A 1211 -25.93 -5.25 16.12
C ASN A 1211 -25.76 -3.78 15.75
N VAL A 1212 -24.95 -3.07 16.53
CA VAL A 1212 -24.99 -1.62 16.52
C VAL A 1212 -23.89 -1.02 15.66
N GLY A 1213 -22.86 -1.81 15.37
CA GLY A 1213 -21.75 -1.28 14.59
C GLY A 1213 -21.51 -2.02 13.29
N SER A 1214 -21.81 -3.31 13.25
CA SER A 1214 -21.35 -4.14 12.15
C SER A 1214 -22.24 -4.04 10.90
N GLN A 1215 -23.46 -4.54 10.99
CA GLN A 1215 -24.38 -4.49 9.85
C GLN A 1215 -25.82 -4.22 10.22
N GLY A 1216 -26.21 -4.33 11.49
CA GLY A 1216 -27.62 -4.48 11.82
C GLY A 1216 -28.40 -3.18 11.69
N SER A 1217 -28.05 -2.19 12.51
CA SER A 1217 -28.81 -0.95 12.52
C SER A 1217 -27.85 0.24 12.55
N GLN A 1218 -28.05 1.17 11.63
CA GLN A 1218 -27.38 2.47 11.63
C GLN A 1218 -28.30 3.46 12.35
N LEU A 1219 -28.50 3.24 13.64
CA LEU A 1219 -29.33 4.09 14.48
C LEU A 1219 -28.67 5.46 14.62
N SER A 1220 -29.51 6.48 14.78
CA SER A 1220 -29.01 7.85 14.74
C SER A 1220 -28.31 8.20 16.05
N ARG A 1221 -27.70 9.39 16.05
CA ARG A 1221 -26.92 9.86 17.19
C ARG A 1221 -27.79 10.07 18.42
N GLY A 1222 -29.04 10.50 18.21
CA GLY A 1222 -29.98 10.54 19.31
C GLY A 1222 -30.39 9.17 19.80
N GLU A 1223 -30.35 8.17 18.92
CA GLU A 1223 -30.69 6.82 19.33
C GLU A 1223 -29.51 6.14 19.98
N LYS A 1224 -28.32 6.34 19.43
CA LYS A 1224 -27.13 5.58 19.82
C LYS A 1224 -26.59 6.00 21.18
N GLN A 1225 -26.72 7.30 21.52
CA GLN A 1225 -26.31 7.79 22.83
C GLN A 1225 -27.12 7.17 23.96
N ARG A 1226 -28.36 6.76 23.67
CA ARG A 1226 -29.24 6.22 24.68
C ARG A 1226 -28.74 4.86 25.20
N ILE A 1227 -27.89 4.20 24.43
CA ILE A 1227 -27.11 3.08 24.95
C ILE A 1227 -26.12 3.55 26.02
N ALA A 1228 -25.44 4.68 25.74
CA ALA A 1228 -24.25 5.04 26.49
C ALA A 1228 -24.59 5.54 27.88
N ILE A 1229 -25.69 6.28 28.03
CA ILE A 1229 -26.14 6.70 29.35
C ILE A 1229 -26.56 5.48 30.17
N ALA A 1230 -27.15 4.48 29.50
CA ALA A 1230 -27.47 3.23 30.17
C ALA A 1230 -26.24 2.45 30.61
N ARG A 1231 -25.08 2.69 29.99
CA ARG A 1231 -23.89 1.88 30.28
C ARG A 1231 -23.32 2.20 31.66
N ALA A 1232 -23.10 3.48 31.94
CA ALA A 1232 -22.51 3.83 33.23
C ALA A 1232 -23.53 3.76 34.36
N ILE A 1233 -24.82 3.75 34.02
CA ILE A 1233 -25.83 3.87 35.07
C ILE A 1233 -26.06 2.53 35.75
N VAL A 1234 -25.57 1.44 35.14
CA VAL A 1234 -25.57 0.14 35.80
C VAL A 1234 -24.62 0.13 36.98
N ARG A 1235 -23.56 0.94 36.92
CA ARG A 1235 -22.53 0.98 37.93
C ARG A 1235 -23.04 1.64 39.22
N ASP A 1236 -22.18 1.71 40.23
CA ASP A 1236 -22.43 2.49 41.44
C ASP A 1236 -21.29 3.50 41.61
N PRO A 1237 -21.32 4.61 40.87
CA PRO A 1237 -20.25 5.60 40.97
C PRO A 1237 -20.59 6.71 41.95
N LYS A 1238 -19.57 7.48 42.29
CA LYS A 1238 -19.75 8.66 43.11
C LYS A 1238 -19.73 9.94 42.30
N ILE A 1239 -19.10 9.94 41.13
CA ILE A 1239 -18.97 11.14 40.32
C ILE A 1239 -19.46 10.85 38.93
N LEU A 1240 -20.43 11.63 38.47
CA LEU A 1240 -20.94 11.52 37.12
C LEU A 1240 -20.30 12.58 36.25
N LEU A 1241 -20.07 12.22 34.99
CA LEU A 1241 -19.37 13.06 34.04
C LEU A 1241 -20.27 13.16 32.82
N LEU A 1242 -21.20 14.11 32.83
CA LEU A 1242 -22.12 14.26 31.72
C LEU A 1242 -21.54 15.26 30.72
N ASP A 1243 -20.50 14.80 30.04
CA ASP A 1243 -19.68 15.65 29.18
C ASP A 1243 -20.35 15.84 27.83
N GLU A 1244 -21.17 16.89 27.73
CA GLU A 1244 -21.79 17.36 26.48
C GLU A 1244 -22.61 16.26 25.81
N ALA A 1245 -23.69 15.88 26.47
CA ALA A 1245 -24.71 15.11 25.79
C ALA A 1245 -25.67 16.06 25.07
N THR A 1246 -26.74 15.47 24.51
CA THR A 1246 -27.78 16.17 23.73
C THR A 1246 -27.15 16.99 22.59
N SER A 1247 -26.23 16.36 21.87
CA SER A 1247 -25.56 17.01 20.76
C SER A 1247 -26.29 16.84 19.44
N ALA A 1248 -27.49 16.26 19.46
CA ALA A 1248 -28.29 16.06 18.26
C ALA A 1248 -29.35 17.15 18.17
N LEU A 1249 -29.59 17.65 16.97
CA LEU A 1249 -30.61 18.67 16.75
C LEU A 1249 -32.00 18.08 16.50
N ASP A 1250 -32.15 16.77 16.62
CA ASP A 1250 -33.42 16.08 16.42
C ASP A 1250 -34.33 16.45 17.59
N THR A 1251 -35.31 17.32 17.32
CA THR A 1251 -35.96 18.14 18.36
C THR A 1251 -36.75 17.33 19.39
N GLU A 1252 -37.11 16.08 19.08
CA GLU A 1252 -37.70 15.22 20.09
C GLU A 1252 -36.70 14.22 20.66
N SER A 1253 -35.78 13.71 19.83
CA SER A 1253 -34.72 12.84 20.33
C SER A 1253 -33.77 13.61 21.24
N GLU A 1254 -33.55 14.89 20.94
CA GLU A 1254 -32.82 15.76 21.87
C GLU A 1254 -33.61 15.97 23.15
N LYS A 1255 -34.94 16.06 23.03
CA LYS A 1255 -35.79 16.34 24.19
C LYS A 1255 -35.97 15.11 25.06
N THR A 1256 -36.08 13.93 24.43
CA THR A 1256 -36.35 12.71 25.19
C THR A 1256 -35.13 12.28 26.01
N VAL A 1257 -33.93 12.45 25.44
CA VAL A 1257 -32.71 12.03 26.12
C VAL A 1257 -32.40 12.98 27.27
N GLN A 1258 -32.99 14.17 27.28
CA GLN A 1258 -32.81 15.11 28.37
C GLN A 1258 -33.43 14.60 29.66
N VAL A 1259 -34.49 13.79 29.55
CA VAL A 1259 -35.10 13.17 30.72
C VAL A 1259 -34.13 12.19 31.36
N ALA A 1260 -33.30 11.53 30.54
CA ALA A 1260 -32.38 10.52 31.04
C ALA A 1260 -31.26 11.16 31.86
N LEU A 1261 -30.72 12.28 31.38
CA LEU A 1261 -29.72 13.00 32.15
C LEU A 1261 -30.30 13.65 33.39
N ASP A 1262 -31.60 13.93 33.39
CA ASP A 1262 -32.21 14.59 34.53
C ASP A 1262 -32.70 13.61 35.58
N LYS A 1263 -33.02 12.39 35.18
CA LYS A 1263 -33.50 11.42 36.15
C LYS A 1263 -32.35 10.83 36.96
N ALA A 1264 -31.20 10.62 36.32
CA ALA A 1264 -30.05 9.98 36.96
C ALA A 1264 -29.40 10.93 37.96
N ARG A 1265 -29.95 10.96 39.17
CA ARG A 1265 -29.48 11.87 40.21
C ARG A 1265 -29.43 11.11 41.53
N GLU A 1266 -29.30 11.86 42.62
CA GLU A 1266 -29.47 11.41 44.01
C GLU A 1266 -28.47 10.32 44.39
N GLY A 1267 -27.21 10.73 44.42
CA GLY A 1267 -26.11 9.85 44.73
C GLY A 1267 -25.04 10.06 43.68
N ARG A 1268 -25.15 11.17 42.97
CA ARG A 1268 -24.32 11.46 41.80
C ARG A 1268 -23.79 12.87 41.93
N THR A 1269 -22.50 13.00 42.19
CA THR A 1269 -21.83 14.29 42.28
C THR A 1269 -21.35 14.63 40.87
N CYS A 1270 -22.14 15.42 40.16
CA CYS A 1270 -22.04 15.50 38.72
C CYS A 1270 -21.37 16.80 38.29
N ILE A 1271 -21.12 16.90 36.99
CA ILE A 1271 -20.53 18.09 36.39
C ILE A 1271 -21.29 18.53 35.12
N VAL A 1272 -22.61 18.27 35.05
CA VAL A 1272 -23.34 18.36 33.79
C VAL A 1272 -23.33 19.80 33.25
N ILE A 1273 -22.93 19.92 31.99
CA ILE A 1273 -22.38 21.16 31.46
C ILE A 1273 -23.48 22.19 31.22
N ALA A 1274 -24.61 21.77 30.63
CA ALA A 1274 -25.71 22.64 30.19
C ALA A 1274 -25.20 23.73 29.24
N HIS A 1275 -24.72 23.27 28.07
CA HIS A 1275 -24.31 24.19 27.02
C HIS A 1275 -25.52 24.95 26.47
N ARG A 1276 -26.68 24.31 26.45
CA ARG A 1276 -27.88 24.94 25.92
C ARG A 1276 -28.89 25.20 27.03
N LEU A 1277 -29.91 25.99 26.68
CA LEU A 1277 -30.94 26.38 27.64
C LEU A 1277 -31.86 25.24 28.01
N SER A 1278 -32.04 24.27 27.12
CA SER A 1278 -32.96 23.16 27.38
C SER A 1278 -32.42 22.23 28.47
N THR A 1279 -31.11 22.07 28.55
CA THR A 1279 -30.49 21.40 29.68
C THR A 1279 -30.67 22.29 30.92
N ILE A 1280 -30.80 21.65 32.08
CA ILE A 1280 -31.25 22.32 33.29
C ILE A 1280 -30.24 23.36 33.74
N GLN A 1281 -30.74 24.52 34.14
CA GLN A 1281 -29.91 25.65 34.53
C GLN A 1281 -29.96 25.88 36.04
N ASN A 1282 -31.01 25.42 36.70
CA ASN A 1282 -31.19 25.61 38.14
C ASN A 1282 -30.71 24.41 38.94
N ALA A 1283 -29.68 23.71 38.44
CA ALA A 1283 -29.09 22.64 39.21
C ALA A 1283 -28.15 23.18 40.29
N ASP A 1284 -27.07 23.84 39.88
CA ASP A 1284 -26.14 24.49 40.80
C ASP A 1284 -25.35 25.55 40.02
N ILE A 1285 -24.22 25.96 40.58
CA ILE A 1285 -23.41 27.12 40.25
C ILE A 1285 -22.70 27.00 38.91
N ILE A 1286 -22.09 28.10 38.46
CA ILE A 1286 -21.27 28.11 37.25
C ILE A 1286 -19.93 28.77 37.60
N ALA A 1287 -18.82 28.10 37.27
CA ALA A 1287 -17.52 28.63 37.66
C ALA A 1287 -16.68 29.10 36.47
N VAL A 1288 -16.70 28.34 35.36
CA VAL A 1288 -15.72 28.59 34.31
C VAL A 1288 -16.18 29.74 33.42
N MET A 1289 -15.21 30.34 32.73
CA MET A 1289 -15.43 31.43 31.79
C MET A 1289 -14.40 31.30 30.69
N ALA A 1290 -14.15 32.40 29.96
CA ALA A 1290 -13.49 32.34 28.66
C ALA A 1290 -12.02 31.94 28.77
N GLN A 1291 -11.35 32.26 29.87
CA GLN A 1291 -9.97 31.86 30.05
C GLN A 1291 -9.80 30.64 30.94
N GLY A 1292 -10.89 29.99 31.34
CA GLY A 1292 -10.78 28.88 32.26
C GLY A 1292 -10.41 29.34 33.65
N VAL A 1293 -11.08 30.41 34.10
CA VAL A 1293 -10.81 31.02 35.40
C VAL A 1293 -12.10 30.94 36.19
N VAL A 1294 -11.98 30.71 37.51
CA VAL A 1294 -13.16 30.70 38.37
C VAL A 1294 -13.62 32.13 38.56
N ILE A 1295 -14.59 32.54 37.74
CA ILE A 1295 -15.20 33.86 37.80
C ILE A 1295 -16.69 33.63 37.90
N GLU A 1296 -17.37 34.48 38.69
CA GLU A 1296 -18.83 34.48 38.88
C GLU A 1296 -19.33 33.19 39.49
N LYS A 1297 -18.76 32.84 40.64
CA LYS A 1297 -18.92 31.52 41.27
C LYS A 1297 -20.35 31.25 41.73
N GLY A 1298 -21.19 32.28 41.84
CA GLY A 1298 -22.54 32.13 42.36
C GLY A 1298 -23.46 31.33 41.44
N THR A 1299 -24.71 31.23 41.89
CA THR A 1299 -25.72 30.37 41.29
C THR A 1299 -26.34 31.08 40.09
N HIS A 1300 -27.44 30.52 39.56
CA HIS A 1300 -28.11 31.07 38.39
C HIS A 1300 -28.74 32.42 38.70
N GLU A 1301 -29.24 32.61 39.92
CA GLU A 1301 -29.89 33.84 40.33
C GLU A 1301 -28.90 34.93 40.71
N GLU A 1302 -27.62 34.76 40.41
CA GLU A 1302 -26.61 35.77 40.72
C GLU A 1302 -26.00 36.40 39.48
N LEU A 1303 -26.28 35.87 38.29
CA LEU A 1303 -25.72 36.42 37.05
C LEU A 1303 -26.58 37.52 36.45
N MET A 1304 -27.58 38.02 37.18
CA MET A 1304 -28.37 39.13 36.68
C MET A 1304 -27.68 40.46 36.91
N ALA A 1305 -26.92 40.59 38.01
CA ALA A 1305 -26.21 41.82 38.30
C ALA A 1305 -25.05 42.02 37.34
N GLN A 1306 -24.16 41.03 37.27
CA GLN A 1306 -23.06 41.05 36.31
C GLN A 1306 -23.52 40.42 35.00
N LYS A 1307 -22.58 40.10 34.12
CA LYS A 1307 -22.92 39.40 32.89
C LYS A 1307 -23.18 37.93 33.20
N GLY A 1308 -24.03 37.31 32.40
CA GLY A 1308 -24.29 35.89 32.51
C GLY A 1308 -24.34 35.25 31.14
N ALA A 1309 -24.38 33.92 31.12
CA ALA A 1309 -24.48 33.19 29.85
C ALA A 1309 -25.87 33.35 29.24
N TYR A 1310 -26.91 33.16 30.06
CA TYR A 1310 -28.27 33.48 29.62
C TYR A 1310 -28.42 34.97 29.38
N TYR A 1311 -27.71 35.78 30.15
CA TYR A 1311 -27.74 37.23 29.99
C TYR A 1311 -26.99 37.67 28.73
N LYS A 1312 -26.11 36.83 28.20
CA LYS A 1312 -25.42 37.16 26.95
C LYS A 1312 -26.24 36.74 25.74
N LEU A 1313 -26.93 35.59 25.82
CA LEU A 1313 -27.70 35.14 24.65
C LEU A 1313 -28.97 35.96 24.47
N VAL A 1314 -29.47 36.60 25.53
CA VAL A 1314 -30.56 37.55 25.34
C VAL A 1314 -30.01 38.90 24.89
N THR A 1315 -28.70 39.11 25.04
CA THR A 1315 -28.07 40.36 24.65
C THR A 1315 -27.65 40.34 23.19
C1 TCH B . 20.18 -31.58 -8.35
C2 TCH B . 21.28 -30.95 -7.52
C3 TCH B . 20.77 -29.80 -6.69
O3 TCH B . 21.87 -29.16 -6.00
C4 TCH B . 20.07 -28.78 -7.57
C5 TCH B . 18.96 -29.39 -8.43
C6 TCH B . 18.25 -28.32 -9.27
C7 TCH B . 19.17 -27.81 -10.38
O7 TCH B . 20.28 -27.07 -9.82
C8 TCH B . 19.70 -28.95 -11.25
C9 TCH B . 20.40 -30.04 -10.39
C10 TCH B . 19.45 -30.59 -9.29
C11 TCH B . 21.01 -31.13 -11.28
C12 TCH B . 21.93 -30.60 -12.40
O12 TCH B . 23.11 -30.04 -11.78
C13 TCH B . 21.21 -29.55 -13.26
C14 TCH B . 20.67 -28.45 -12.31
C15 TCH B . 20.20 -27.35 -13.25
C16 TCH B . 21.19 -27.42 -14.44
C17 TCH B . 22.07 -28.68 -14.21
C18 TCH B . 20.09 -30.25 -14.05
C19 TCH B . 18.24 -31.33 -9.90
O1S TCH B . 26.68 -26.75 -19.63
C20 TCH B . 22.57 -29.28 -15.54
C21 TCH B . 23.91 -29.99 -15.41
C22 TCH B . 22.64 -28.19 -16.63
C23 TCH B . 24.05 -27.82 -17.06
C24 TCH B . 24.31 -26.33 -16.97
N24 TCH B . 24.62 -25.71 -18.12
O24 TCH B . 24.26 -25.73 -15.90
C25 TCH B . 25.53 -24.59 -18.20
C26 TCH B . 26.94 -24.95 -17.79
S26 TCH B . 27.46 -26.52 -18.45
O2S TCH B . 28.89 -26.45 -18.57
O3S TCH B . 27.06 -27.51 -17.34
#